data_7DKP
#
_entry.id   7DKP
#
_cell.length_a   49.840
_cell.length_b   169.451
_cell.length_c   49.842
_cell.angle_alpha   90.000
_cell.angle_beta   93.510
_cell.angle_gamma   90.000
#
_symmetry.space_group_name_H-M   'P 1 21 1'
#
loop_
_entity.id
_entity.type
_entity.pdbx_description
1 polymer Glutaredoxin
2 non-polymer GLUTATHIONE
3 non-polymer 'CITRATE ANION'
4 water water
#
_entity_poly.entity_id   1
_entity_poly.type   'polypeptide(L)'
_entity_poly.pdbx_seq_one_letter_code
;MKLYIYDHCPYCLKARMIFGLKNIPVELHVLLNDDAETPTRMVGQKQVPILQKDDSRYMPESMDIVHYVDKLDGKPLLTG
KRSPAIEEWLRKVNGYANKLLLPRFAKSAFDEFSTPAARKYFVDKKEASAGNFADLLAHSDGLIKNISDDLRALDKLIVK
PNAVNGELSEDDIQLFPLLRNLTLVAGINWPSRVADYRDNMAKQTQINLLSSMAI
;
_entity_poly.pdbx_strand_id   A,B,C,D
#
# COMPACT_ATOMS: atom_id res chain seq x y z
N MET A 1 7.71 26.28 21.18
CA MET A 1 7.12 25.05 20.60
C MET A 1 8.12 24.39 19.65
N LYS A 2 8.03 23.07 19.56
CA LYS A 2 8.90 22.29 18.64
C LYS A 2 7.97 21.38 17.80
N LEU A 3 8.39 21.07 16.60
CA LEU A 3 7.55 20.21 15.74
C LEU A 3 8.44 19.13 15.10
N TYR A 4 8.07 17.87 15.30
CA TYR A 4 8.82 16.68 14.82
C TYR A 4 8.13 16.13 13.60
N ILE A 5 8.89 16.07 12.51
CA ILE A 5 8.24 15.84 11.19
C ILE A 5 9.09 14.95 10.25
N TYR A 6 8.48 14.66 9.12
CA TYR A 6 9.23 14.25 7.89
C TYR A 6 8.93 15.40 6.92
N ASP A 7 9.89 15.73 6.09
CA ASP A 7 9.68 16.82 5.11
C ASP A 7 8.62 16.43 4.07
N HIS A 8 8.57 15.17 3.67
CA HIS A 8 7.60 14.73 2.64
C HIS A 8 6.18 14.52 3.18
N CYS A 9 6.02 14.50 4.49
CA CYS A 9 4.74 14.07 5.06
C CYS A 9 3.69 15.17 4.92
N PRO A 10 2.56 14.93 4.22
CA PRO A 10 1.57 15.99 4.05
C PRO A 10 0.93 16.41 5.39
N TYR A 11 0.84 15.51 6.34
CA TYR A 11 0.25 15.85 7.66
C TYR A 11 1.17 16.81 8.41
N CYS A 12 2.47 16.62 8.21
CA CYS A 12 3.49 17.53 8.76
C CYS A 12 3.40 18.88 8.08
N LEU A 13 3.20 18.90 6.76
CA LEU A 13 3.00 20.18 6.07
C LEU A 13 1.77 20.94 6.62
N LYS A 14 0.68 20.24 6.90
CA LYS A 14 -0.52 20.91 7.47
C LYS A 14 -0.10 21.66 8.71
N ALA A 15 0.63 21.01 9.62
CA ALA A 15 1.04 21.65 10.89
C ALA A 15 1.96 22.83 10.59
N ARG A 16 2.92 22.65 9.69
CA ARG A 16 3.86 23.72 9.31
C ARG A 16 3.08 24.91 8.73
N MET A 17 2.00 24.70 8.02
CA MET A 17 1.25 25.81 7.38
C MET A 17 0.80 26.81 8.42
N ILE A 18 0.26 26.36 9.54
CA ILE A 18 -0.35 27.35 10.49
C ILE A 18 0.76 28.19 11.11
N PHE A 19 1.93 27.62 11.37
CA PHE A 19 3.07 28.40 11.91
C PHE A 19 3.47 29.45 10.88
N GLY A 20 3.54 29.09 9.61
CA GLY A 20 3.93 30.03 8.56
C GLY A 20 2.88 31.12 8.34
N LEU A 21 1.61 30.77 8.33
CA LEU A 21 0.51 31.73 8.09
C LEU A 21 0.50 32.76 9.21
N LYS A 22 0.78 32.33 10.43
CA LYS A 22 0.70 33.26 11.59
C LYS A 22 2.06 33.83 11.96
N ASN A 23 3.12 33.52 11.24
CA ASN A 23 4.50 33.98 11.55
C ASN A 23 4.84 33.62 13.00
N ILE A 24 4.55 32.41 13.43
CA ILE A 24 4.89 31.92 14.79
C ILE A 24 6.16 31.09 14.66
N PRO A 25 7.21 31.37 15.47
CA PRO A 25 8.43 30.59 15.41
C PRO A 25 8.12 29.18 15.91
N VAL A 26 8.84 28.22 15.36
CA VAL A 26 8.74 26.82 15.86
C VAL A 26 10.04 26.14 15.48
N GLU A 27 10.53 25.29 16.36
CA GLU A 27 11.77 24.55 16.13
C GLU A 27 11.38 23.29 15.36
N LEU A 28 11.66 23.25 14.08
CA LEU A 28 11.37 22.06 13.27
C LEU A 28 12.48 21.05 13.50
N HIS A 29 12.13 19.79 13.62
CA HIS A 29 13.10 18.69 13.69
C HIS A 29 12.62 17.57 12.79
N VAL A 30 13.43 17.21 11.82
CA VAL A 30 13.09 16.05 10.94
C VAL A 30 13.59 14.78 11.60
N LEU A 31 12.71 13.83 11.79
CA LEU A 31 13.10 12.50 12.31
C LEU A 31 13.44 11.59 11.15
N LEU A 32 14.38 10.70 11.38
CA LEU A 32 14.61 9.63 10.39
C LEU A 32 13.36 8.75 10.26
N ASN A 33 13.10 8.27 9.06
CA ASN A 33 11.84 7.53 8.79
C ASN A 33 11.82 6.21 9.57
N ASP A 34 12.99 5.66 9.94
CA ASP A 34 13.04 4.38 10.67
C ASP A 34 13.07 4.62 12.19
N ASP A 35 12.95 5.85 12.66
CA ASP A 35 13.01 6.14 14.11
C ASP A 35 11.68 5.91 14.80
N ALA A 36 11.52 4.73 15.39
CA ALA A 36 10.32 4.48 16.20
C ALA A 36 10.49 4.98 17.62
N GLU A 37 11.70 4.98 18.13
CA GLU A 37 11.95 5.25 19.56
C GLU A 37 11.51 6.67 19.89
N THR A 38 11.89 7.66 19.09
CA THR A 38 11.61 9.07 19.44
C THR A 38 10.12 9.30 19.50
N PRO A 39 9.34 9.07 18.42
CA PRO A 39 7.90 9.36 18.49
C PRO A 39 7.18 8.52 19.54
N THR A 40 7.64 7.28 19.73
CA THR A 40 6.92 6.42 20.69
C THR A 40 7.17 6.95 22.11
N ARG A 41 8.36 7.45 22.40
CA ARG A 41 8.65 8.06 23.72
C ARG A 41 7.75 9.28 23.90
N MET A 42 7.51 10.02 22.83
CA MET A 42 6.79 11.30 22.94
C MET A 42 5.30 11.10 23.07
N VAL A 43 4.69 10.25 22.24
CA VAL A 43 3.21 10.20 22.14
C VAL A 43 2.70 8.74 22.22
N GLY A 44 3.58 7.75 22.39
CA GLY A 44 3.16 6.37 22.57
C GLY A 44 2.90 5.63 21.30
N GLN A 45 3.30 6.17 20.16
CA GLN A 45 3.12 5.50 18.87
C GLN A 45 4.08 6.15 17.89
N LYS A 46 4.41 5.42 16.85
CA LYS A 46 5.29 5.94 15.81
C LYS A 46 4.47 6.66 14.73
N GLN A 47 4.49 7.98 14.78
CA GLN A 47 3.84 8.81 13.76
C GLN A 47 4.33 10.23 13.92
N VAL A 48 4.21 10.95 12.81
CA VAL A 48 4.51 12.40 12.78
C VAL A 48 3.32 13.05 12.06
N PRO A 49 3.01 14.33 12.29
CA PRO A 49 3.74 15.22 13.16
C PRO A 49 3.44 15.11 14.65
N ILE A 50 4.42 15.56 15.42
CA ILE A 50 4.28 15.68 16.89
C ILE A 50 4.70 17.10 17.29
N LEU A 51 3.81 17.76 17.99
CA LEU A 51 4.08 19.10 18.57
C LEU A 51 4.58 18.92 19.99
N GLN A 52 5.63 19.65 20.37
CA GLN A 52 5.93 19.83 21.80
C GLN A 52 5.44 21.23 22.17
N LYS A 53 4.50 21.28 23.11
CA LYS A 53 4.03 22.55 23.70
C LYS A 53 5.13 23.14 24.57
N ASP A 54 4.96 24.41 24.90
CA ASP A 54 5.99 25.12 25.70
C ASP A 54 6.16 24.49 27.07
N ASP A 55 5.11 23.89 27.64
CA ASP A 55 5.15 23.27 28.98
C ASP A 55 5.72 21.84 28.92
N SER A 56 6.21 21.44 27.73
CA SER A 56 6.90 20.15 27.48
CA SER A 56 6.90 20.16 27.42
C SER A 56 5.95 19.02 27.06
N ARG A 57 4.63 19.19 27.16
CA ARG A 57 3.70 18.13 26.69
C ARG A 57 3.90 17.92 25.19
N TYR A 58 3.79 16.66 24.81
CA TYR A 58 3.82 16.28 23.37
C TYR A 58 2.39 15.96 22.93
N MET A 59 2.04 16.34 21.71
CA MET A 59 0.68 16.14 21.18
C MET A 59 0.78 15.75 19.71
N PRO A 60 0.19 14.61 19.30
CA PRO A 60 0.14 14.26 17.88
C PRO A 60 -1.10 14.86 17.23
N GLU A 61 -1.25 14.56 15.95
CA GLU A 61 -2.44 14.75 15.10
C GLU A 61 -2.42 16.13 14.46
N SER A 62 -2.09 16.15 13.18
CA SER A 62 -1.97 17.37 12.39
C SER A 62 -3.12 18.36 12.64
N MET A 63 -4.38 17.94 12.55
CA MET A 63 -5.44 18.97 12.65
C MET A 63 -5.62 19.41 14.09
N ASP A 64 -5.30 18.61 15.10
CA ASP A 64 -5.33 19.07 16.52
C ASP A 64 -4.23 20.12 16.69
N ILE A 65 -3.07 19.87 16.09
CA ILE A 65 -1.97 20.85 16.18
C ILE A 65 -2.40 22.14 15.49
N VAL A 66 -2.95 22.06 14.30
CA VAL A 66 -3.41 23.27 13.58
C VAL A 66 -4.43 24.04 14.42
N HIS A 67 -5.42 23.36 14.98
CA HIS A 67 -6.48 24.02 15.77
C HIS A 67 -5.88 24.66 17.01
N TYR A 68 -4.99 23.95 17.66
CA TYR A 68 -4.38 24.46 18.90
C TYR A 68 -3.61 25.74 18.59
N VAL A 69 -2.74 25.70 17.59
CA VAL A 69 -1.88 26.85 17.27
C VAL A 69 -2.75 27.99 16.82
N ASP A 70 -3.78 27.74 16.02
CA ASP A 70 -4.59 28.85 15.45
C ASP A 70 -5.35 29.59 16.54
N LYS A 71 -5.63 28.94 17.65
CA LYS A 71 -6.38 29.59 18.76
C LYS A 71 -5.46 30.30 19.75
N LEU A 72 -4.16 30.07 19.75
CA LEU A 72 -3.29 30.56 20.83
C LEU A 72 -3.42 32.07 21.02
N ASP A 73 -3.49 32.83 19.95
CA ASP A 73 -3.49 34.31 20.08
C ASP A 73 -4.91 34.87 20.15
N GLY A 74 -5.92 34.01 20.19
CA GLY A 74 -7.33 34.43 20.24
C GLY A 74 -7.86 34.98 18.93
N LYS A 75 -7.08 34.92 17.85
CA LYS A 75 -7.48 35.46 16.53
C LYS A 75 -7.21 34.37 15.48
N PRO A 76 -8.08 33.36 15.46
CA PRO A 76 -7.91 32.30 14.48
C PRO A 76 -7.96 32.88 13.07
N LEU A 77 -7.14 32.31 12.20
CA LEU A 77 -7.11 32.68 10.77
C LEU A 77 -8.03 31.76 9.97
N LEU A 78 -8.23 30.52 10.41
CA LEU A 78 -8.93 29.53 9.55
C LEU A 78 -10.43 29.65 9.78
N THR A 79 -10.98 30.78 9.33
CA THR A 79 -12.37 31.18 9.64
C THR A 79 -13.23 30.96 8.41
N GLY A 80 -12.65 30.66 7.25
CA GLY A 80 -13.47 30.62 6.04
C GLY A 80 -14.26 29.33 5.91
N LYS A 81 -15.24 29.34 5.03
CA LYS A 81 -16.01 28.12 4.70
C LYS A 81 -15.16 27.12 3.96
N ARG A 82 -15.37 25.84 4.22
CA ARG A 82 -14.90 24.71 3.39
C ARG A 82 -15.88 24.50 2.24
N SER A 83 -15.51 23.67 1.30
CA SER A 83 -16.27 23.44 0.05
C SER A 83 -16.51 21.97 -0.14
N PRO A 84 -17.76 21.50 -0.26
CA PRO A 84 -18.00 20.09 -0.54
C PRO A 84 -17.30 19.67 -1.84
N ALA A 85 -17.22 20.55 -2.83
CA ALA A 85 -16.61 20.18 -4.12
C ALA A 85 -15.11 19.95 -3.93
N ILE A 86 -14.49 20.75 -3.09
CA ILE A 86 -13.03 20.53 -2.81
C ILE A 86 -12.86 19.22 -2.06
N GLU A 87 -13.70 18.92 -1.09
CA GLU A 87 -13.61 17.65 -0.34
C GLU A 87 -13.76 16.48 -1.33
N GLU A 88 -14.69 16.58 -2.28
CA GLU A 88 -14.93 15.48 -3.23
C GLU A 88 -13.66 15.31 -4.10
N TRP A 89 -13.09 16.41 -4.53
CA TRP A 89 -11.88 16.36 -5.39
C TRP A 89 -10.72 15.71 -4.61
N LEU A 90 -10.53 16.13 -3.38
CA LEU A 90 -9.42 15.59 -2.56
C LEU A 90 -9.67 14.10 -2.33
N ARG A 91 -10.92 13.67 -2.10
CA ARG A 91 -11.24 12.24 -1.90
C ARG A 91 -10.75 11.50 -3.14
N LYS A 92 -11.01 12.03 -4.31
CA LYS A 92 -10.61 11.33 -5.56
CA LYS A 92 -10.62 11.34 -5.56
C LYS A 92 -9.09 11.31 -5.70
N VAL A 93 -8.46 12.46 -5.56
CA VAL A 93 -7.02 12.51 -5.89
C VAL A 93 -6.19 11.82 -4.80
N ASN A 94 -6.58 11.95 -3.54
CA ASN A 94 -5.85 11.24 -2.47
C ASN A 94 -6.01 9.74 -2.66
N GLY A 95 -6.95 9.26 -3.48
CA GLY A 95 -7.09 7.83 -3.80
C GLY A 95 -5.97 7.30 -4.68
N TYR A 96 -5.19 8.15 -5.30
CA TYR A 96 -4.14 7.64 -6.23
C TYR A 96 -2.86 8.45 -6.24
N ALA A 97 -2.79 9.64 -5.67
CA ALA A 97 -1.59 10.48 -5.83
C ALA A 97 -0.35 9.77 -5.27
N ASN A 98 -0.51 8.96 -4.24
CA ASN A 98 0.66 8.28 -3.66
C ASN A 98 1.36 7.37 -4.69
N LYS A 99 0.63 6.93 -5.70
CA LYS A 99 1.27 6.10 -6.76
C LYS A 99 2.34 6.89 -7.49
N LEU A 100 2.18 8.20 -7.62
CA LEU A 100 3.23 9.08 -8.16
C LEU A 100 4.23 9.48 -7.08
N LEU A 101 3.75 9.85 -5.91
CA LEU A 101 4.61 10.53 -4.92
C LEU A 101 5.57 9.55 -4.24
N LEU A 102 5.09 8.38 -3.82
CA LEU A 102 5.92 7.52 -2.94
C LEU A 102 7.19 7.10 -3.66
N PRO A 103 7.17 6.59 -4.92
CA PRO A 103 8.45 6.17 -5.51
C PRO A 103 9.41 7.35 -5.70
N ARG A 104 8.87 8.55 -5.92
CA ARG A 104 9.70 9.75 -6.09
C ARG A 104 10.27 10.22 -4.76
N PHE A 105 9.46 10.24 -3.72
CA PHE A 105 10.02 10.53 -2.38
C PHE A 105 11.21 9.60 -2.11
N ALA A 106 11.04 8.33 -2.37
CA ALA A 106 12.02 7.33 -1.95
C ALA A 106 13.38 7.59 -2.62
N LYS A 107 13.42 8.20 -3.79
CA LYS A 107 14.69 8.47 -4.52
CA LYS A 107 14.69 8.47 -4.52
C LYS A 107 15.34 9.78 -4.08
N SER A 108 14.58 10.63 -3.41
CA SER A 108 14.90 12.05 -3.33
C SER A 108 15.66 12.39 -2.05
N ALA A 109 16.22 13.57 -2.05
CA ALA A 109 17.14 14.01 -0.96
C ALA A 109 16.39 14.71 0.17
N PHE A 110 15.52 13.98 0.84
CA PHE A 110 14.80 14.43 2.05
C PHE A 110 15.58 13.99 3.27
N ASP A 111 15.60 14.85 4.28
CA ASP A 111 16.38 14.60 5.51
C ASP A 111 15.93 13.31 6.21
N GLU A 112 14.65 12.94 6.16
CA GLU A 112 14.19 11.71 6.85
C GLU A 112 14.76 10.44 6.21
N PHE A 113 15.34 10.55 5.02
CA PHE A 113 15.96 9.39 4.31
C PHE A 113 17.47 9.48 4.31
N SER A 114 18.06 10.25 5.22
CA SER A 114 19.51 10.56 5.10
C SER A 114 20.39 9.38 5.51
N THR A 115 19.88 8.34 6.13
CA THR A 115 20.65 7.10 6.27
C THR A 115 20.12 6.05 5.31
N PRO A 116 20.98 5.14 4.83
CA PRO A 116 20.51 4.04 4.01
C PRO A 116 19.34 3.29 4.66
N ALA A 117 19.46 3.02 5.96
CA ALA A 117 18.42 2.24 6.67
C ALA A 117 17.07 2.98 6.70
N ALA A 118 17.12 4.30 6.88
CA ALA A 118 15.85 5.07 6.91
C ALA A 118 15.21 5.07 5.54
N ARG A 119 15.98 5.23 4.49
CA ARG A 119 15.40 5.21 3.13
C ARG A 119 14.83 3.83 2.84
N LYS A 120 15.57 2.79 3.21
CA LYS A 120 15.16 1.42 2.91
C LYS A 120 13.92 1.04 3.72
N TYR A 121 13.80 1.53 4.94
CA TYR A 121 12.59 1.37 5.76
C TYR A 121 11.38 1.91 5.01
N PHE A 122 11.49 3.14 4.49
CA PHE A 122 10.38 3.74 3.70
C PHE A 122 10.04 2.89 2.49
N VAL A 123 11.06 2.51 1.75
CA VAL A 123 10.83 1.71 0.51
C VAL A 123 10.09 0.42 0.89
N ASP A 124 10.57 -0.29 1.89
CA ASP A 124 10.02 -1.62 2.22
C ASP A 124 8.58 -1.45 2.75
N LYS A 125 8.30 -0.45 3.58
CA LYS A 125 6.95 -0.28 4.14
C LYS A 125 5.99 0.13 3.04
N LYS A 126 6.43 1.03 2.19
CA LYS A 126 5.53 1.62 1.18
C LYS A 126 5.39 0.66 -0.01
N GLU A 127 6.40 -0.09 -0.42
CA GLU A 127 6.15 -1.09 -1.50
C GLU A 127 5.16 -2.11 -0.99
N ALA A 128 5.21 -2.48 0.29
CA ALA A 128 4.25 -3.44 0.88
C ALA A 128 2.83 -2.87 0.81
N SER A 129 2.62 -1.58 1.09
CA SER A 129 1.25 -1.02 1.22
C SER A 129 0.76 -0.49 -0.13
N ALA A 130 1.63 0.09 -0.95
CA ALA A 130 1.22 0.80 -2.20
C ALA A 130 1.60 0.02 -3.47
N GLY A 131 2.53 -0.91 -3.34
CA GLY A 131 2.99 -1.71 -4.46
C GLY A 131 4.42 -1.44 -4.86
N ASN A 132 4.91 -2.32 -5.72
CA ASN A 132 6.26 -2.29 -6.28
C ASN A 132 6.53 -0.93 -6.93
N PHE A 133 7.60 -0.24 -6.53
CA PHE A 133 7.88 1.13 -7.03
C PHE A 133 8.28 1.11 -8.51
N ALA A 134 8.95 0.08 -9.01
CA ALA A 134 9.30 0.02 -10.44
C ALA A 134 7.98 -0.04 -11.22
N ASP A 135 6.98 -0.75 -10.72
CA ASP A 135 5.69 -0.90 -11.44
C ASP A 135 4.93 0.43 -11.37
N LEU A 136 4.89 1.08 -10.20
CA LEU A 136 4.25 2.41 -10.11
C LEU A 136 4.90 3.36 -11.10
N LEU A 137 6.22 3.37 -11.17
CA LEU A 137 6.93 4.30 -12.08
C LEU A 137 6.63 3.95 -13.54
N ALA A 138 6.42 2.67 -13.84
CA ALA A 138 6.09 2.26 -15.21
C ALA A 138 4.78 2.92 -15.66
N HIS A 139 3.90 3.24 -14.73
CA HIS A 139 2.57 3.80 -15.05
C HIS A 139 2.59 5.32 -14.89
N SER A 140 3.74 5.93 -14.74
CA SER A 140 3.86 7.38 -14.50
C SER A 140 3.08 8.18 -15.53
N ASP A 141 3.24 7.92 -16.82
CA ASP A 141 2.58 8.81 -17.81
C ASP A 141 1.06 8.72 -17.69
N GLY A 142 0.46 7.56 -17.44
CA GLY A 142 -0.98 7.48 -17.28
C GLY A 142 -1.41 8.19 -16.01
N LEU A 143 -0.63 8.06 -14.95
CA LEU A 143 -1.00 8.70 -13.67
C LEU A 143 -0.83 10.21 -13.79
N ILE A 144 0.15 10.66 -14.55
CA ILE A 144 0.40 12.13 -14.78
C ILE A 144 -0.76 12.69 -15.62
N LYS A 145 -1.25 11.92 -16.58
CA LYS A 145 -2.43 12.34 -17.34
C LYS A 145 -3.59 12.50 -16.39
N ASN A 146 -3.80 11.51 -15.53
CA ASN A 146 -4.92 11.56 -14.55
C ASN A 146 -4.79 12.82 -13.69
N ILE A 147 -3.63 13.07 -13.12
CA ILE A 147 -3.41 14.26 -12.24
CA ILE A 147 -3.56 14.25 -12.22
C ILE A 147 -3.70 15.53 -13.04
N SER A 148 -3.14 15.61 -14.24
CA SER A 148 -3.30 16.84 -15.05
C SER A 148 -4.79 17.07 -15.35
N ASP A 149 -5.52 16.02 -15.71
CA ASP A 149 -6.98 16.10 -15.96
C ASP A 149 -7.66 16.55 -14.68
N ASP A 150 -7.33 15.95 -13.54
CA ASP A 150 -8.04 16.32 -12.29
C ASP A 150 -7.64 17.74 -11.91
N LEU A 151 -6.42 18.18 -12.17
CA LEU A 151 -6.05 19.58 -11.85
C LEU A 151 -6.90 20.55 -12.68
N ARG A 152 -7.25 20.22 -13.92
CA ARG A 152 -8.12 21.11 -14.72
C ARG A 152 -9.45 21.27 -14.01
N ALA A 153 -9.99 20.24 -13.35
CA ALA A 153 -11.26 20.38 -12.63
C ALA A 153 -11.04 21.27 -11.42
N LEU A 154 -9.95 21.05 -10.71
CA LEU A 154 -9.67 21.90 -9.53
C LEU A 154 -9.55 23.35 -9.94
N ASP A 155 -8.97 23.64 -11.10
CA ASP A 155 -8.71 25.01 -11.53
C ASP A 155 -10.00 25.83 -11.45
N LYS A 156 -11.12 25.20 -11.80
CA LYS A 156 -12.40 25.96 -11.80
C LYS A 156 -12.88 26.29 -10.40
N LEU A 157 -12.35 25.60 -9.40
CA LEU A 157 -12.82 25.76 -7.98
C LEU A 157 -11.92 26.72 -7.20
N ILE A 158 -10.79 27.17 -7.73
CA ILE A 158 -9.82 28.07 -7.03
C ILE A 158 -10.39 29.49 -7.09
N VAL A 159 -10.91 29.97 -5.97
CA VAL A 159 -11.65 31.24 -6.00
C VAL A 159 -10.67 32.39 -6.01
N LYS A 160 -9.59 32.32 -5.22
CA LYS A 160 -8.54 33.34 -5.20
C LYS A 160 -7.20 32.66 -5.09
N PRO A 161 -6.11 33.26 -5.60
CA PRO A 161 -4.78 32.68 -5.42
C PRO A 161 -4.35 32.58 -3.97
N ASN A 162 -4.91 33.39 -3.07
CA ASN A 162 -4.44 33.37 -1.66
C ASN A 162 -5.29 32.47 -0.78
N ALA A 163 -6.40 31.92 -1.29
CA ALA A 163 -7.32 31.12 -0.43
C ALA A 163 -8.30 30.39 -1.33
N VAL A 164 -8.30 29.08 -1.27
CA VAL A 164 -8.97 28.24 -2.28
C VAL A 164 -10.45 28.60 -2.33
N ASN A 165 -11.10 28.91 -1.22
CA ASN A 165 -12.55 29.22 -1.24
C ASN A 165 -12.79 30.72 -1.10
N GLY A 166 -11.74 31.55 -1.13
CA GLY A 166 -11.86 33.01 -1.12
C GLY A 166 -11.47 33.61 0.22
N GLU A 167 -11.59 32.85 1.29
CA GLU A 167 -11.15 33.25 2.63
C GLU A 167 -10.40 32.04 3.21
N LEU A 168 -9.29 32.26 3.90
CA LEU A 168 -8.47 31.14 4.42
C LEU A 168 -9.33 30.17 5.20
N SER A 169 -9.17 28.90 4.94
CA SER A 169 -10.02 27.85 5.53
C SER A 169 -9.20 26.60 5.74
N GLU A 170 -9.81 25.62 6.37
CA GLU A 170 -9.21 24.29 6.53
C GLU A 170 -9.02 23.64 5.15
N ASP A 171 -9.79 24.04 4.12
CA ASP A 171 -9.51 23.49 2.78
C ASP A 171 -8.13 23.91 2.27
N ASP A 172 -7.56 25.01 2.69
CA ASP A 172 -6.17 25.39 2.30
C ASP A 172 -5.23 24.38 2.98
N ILE A 173 -5.52 24.09 4.24
CA ILE A 173 -4.71 23.11 5.00
C ILE A 173 -4.74 21.75 4.33
N GLN A 174 -5.89 21.34 3.82
CA GLN A 174 -6.05 19.99 3.23
C GLN A 174 -5.48 19.95 1.79
N LEU A 175 -5.51 21.05 1.07
CA LEU A 175 -5.19 21.03 -0.37
C LEU A 175 -3.72 21.37 -0.61
N PHE A 176 -3.18 22.40 0.03
CA PHE A 176 -1.82 22.84 -0.28
C PHE A 176 -0.77 21.73 -0.13
N PRO A 177 -0.77 20.91 0.95
CA PRO A 177 0.26 19.90 1.10
C PRO A 177 0.34 18.99 -0.14
N LEU A 178 -0.82 18.60 -0.68
CA LEU A 178 -0.86 17.72 -1.87
C LEU A 178 -0.26 18.45 -3.07
N LEU A 179 -0.64 19.71 -3.30
CA LEU A 179 -0.09 20.46 -4.44
C LEU A 179 1.42 20.64 -4.27
N ARG A 180 1.89 20.96 -3.05
CA ARG A 180 3.33 21.12 -2.79
C ARG A 180 4.04 19.81 -3.16
N ASN A 181 3.53 18.70 -2.69
CA ASN A 181 4.23 17.41 -2.93
C ASN A 181 4.20 17.05 -4.43
N LEU A 182 3.12 17.41 -5.12
CA LEU A 182 3.00 17.11 -6.57
C LEU A 182 4.04 17.87 -7.37
N THR A 183 4.63 18.94 -6.84
CA THR A 183 5.68 19.64 -7.60
C THR A 183 6.93 18.77 -7.72
N LEU A 184 7.01 17.66 -7.00
CA LEU A 184 8.12 16.69 -7.17
C LEU A 184 7.91 15.86 -8.44
N VAL A 185 6.75 15.90 -9.05
CA VAL A 185 6.38 14.97 -10.15
C VAL A 185 6.64 15.72 -11.46
N ALA A 186 7.74 15.39 -12.13
CA ALA A 186 8.05 16.01 -13.43
C ALA A 186 6.96 15.60 -14.41
N GLY A 187 6.51 16.55 -15.22
CA GLY A 187 5.62 16.24 -16.35
C GLY A 187 4.18 16.66 -16.16
N ILE A 188 3.79 17.03 -14.93
CA ILE A 188 2.40 17.46 -14.70
C ILE A 188 2.14 18.74 -15.49
N ASN A 189 0.93 18.83 -16.09
CA ASN A 189 0.44 20.07 -16.71
C ASN A 189 -0.32 20.85 -15.67
N TRP A 190 0.22 21.99 -15.24
CA TRP A 190 -0.38 22.81 -14.17
C TRP A 190 -1.24 23.89 -14.77
N PRO A 191 -2.52 23.92 -14.45
CA PRO A 191 -3.39 24.99 -14.89
C PRO A 191 -3.10 26.27 -14.12
N SER A 192 -3.51 27.41 -14.67
CA SER A 192 -3.01 28.71 -14.18
CA SER A 192 -3.11 28.76 -14.23
C SER A 192 -3.55 29.07 -12.79
N ARG A 193 -4.81 28.79 -12.48
CA ARG A 193 -5.31 29.21 -11.15
C ARG A 193 -4.70 28.30 -10.09
N VAL A 194 -4.59 27.02 -10.38
CA VAL A 194 -3.92 26.09 -9.47
C VAL A 194 -2.47 26.53 -9.26
N ALA A 195 -1.77 26.85 -10.32
CA ALA A 195 -0.36 27.24 -10.22
C ALA A 195 -0.21 28.51 -9.38
N ASP A 196 -1.07 29.49 -9.63
CA ASP A 196 -0.97 30.75 -8.86
C ASP A 196 -1.28 30.48 -7.39
N TYR A 197 -2.26 29.65 -7.10
CA TYR A 197 -2.59 29.31 -5.70
C TYR A 197 -1.42 28.58 -5.03
N ARG A 198 -0.85 27.61 -5.74
CA ARG A 198 0.34 26.86 -5.27
C ARG A 198 1.44 27.83 -4.88
N ASP A 199 1.76 28.78 -5.77
CA ASP A 199 2.89 29.70 -5.55
C ASP A 199 2.56 30.66 -4.39
N ASN A 200 1.35 31.15 -4.36
CA ASN A 200 0.92 32.17 -3.37
C ASN A 200 0.88 31.52 -1.99
N MET A 201 0.32 30.34 -1.87
CA MET A 201 0.19 29.67 -0.59
C MET A 201 1.58 29.24 -0.11
N ALA A 202 2.51 28.87 -0.98
CA ALA A 202 3.87 28.52 -0.58
C ALA A 202 4.52 29.74 0.09
N LYS A 203 4.33 30.90 -0.51
CA LYS A 203 4.89 32.14 0.07
C LYS A 203 4.24 32.45 1.41
N GLN A 204 2.93 32.31 1.51
CA GLN A 204 2.21 32.68 2.74
C GLN A 204 2.68 31.75 3.87
N THR A 205 2.87 30.48 3.56
CA THR A 205 3.19 29.45 4.58
C THR A 205 4.69 29.34 4.83
N GLN A 206 5.53 29.91 3.96
CA GLN A 206 7.01 29.81 4.08
C GLN A 206 7.41 28.34 3.90
N ILE A 207 6.70 27.58 3.09
CA ILE A 207 7.04 26.17 2.77
C ILE A 207 7.53 26.15 1.33
N ASN A 208 8.63 25.48 1.13
CA ASN A 208 9.28 25.37 -0.19
C ASN A 208 8.48 24.43 -1.10
N LEU A 209 8.39 24.79 -2.35
CA LEU A 209 7.99 23.83 -3.41
C LEU A 209 9.19 22.98 -3.79
N LEU A 210 8.91 21.89 -4.50
CA LEU A 210 9.90 20.83 -4.80
C LEU A 210 10.23 20.82 -6.29
N SER A 211 9.86 21.88 -7.02
CA SER A 211 10.03 21.95 -8.48
C SER A 211 11.47 21.66 -8.88
N SER A 212 12.43 22.19 -8.13
CA SER A 212 13.87 22.03 -8.47
C SER A 212 14.31 20.57 -8.32
N MET A 213 13.60 19.75 -7.54
CA MET A 213 13.93 18.32 -7.30
C MET A 213 13.10 17.40 -8.19
N ALA A 214 12.26 17.94 -9.04
CA ALA A 214 11.23 17.10 -9.71
C ALA A 214 11.88 16.01 -10.53
N ILE A 215 11.27 14.84 -10.53
CA ILE A 215 11.73 13.64 -11.28
C ILE A 215 10.51 12.90 -11.84
N MET B 1 44.66 -3.67 1.31
CA MET B 1 44.52 -2.44 0.49
C MET B 1 43.18 -1.79 0.80
N LYS B 2 43.15 -0.47 0.69
CA LYS B 2 41.93 0.34 0.88
C LYS B 2 41.77 1.23 -0.37
N LEU B 3 40.55 1.58 -0.68
CA LEU B 3 40.27 2.44 -1.85
C LEU B 3 39.24 3.51 -1.46
N TYR B 4 39.59 4.77 -1.63
CA TYR B 4 38.77 5.94 -1.25
C TYR B 4 38.15 6.50 -2.52
N ILE B 5 36.82 6.58 -2.49
CA ILE B 5 36.08 6.84 -3.76
C ILE B 5 34.85 7.73 -3.55
N TYR B 6 34.26 8.05 -4.70
CA TYR B 6 32.84 8.48 -4.80
C TYR B 6 32.19 7.32 -5.59
N ASP B 7 30.97 6.97 -5.25
CA ASP B 7 30.26 5.90 -5.97
C ASP B 7 29.98 6.33 -7.42
N HIS B 8 29.68 7.60 -7.65
CA HIS B 8 29.38 8.06 -9.03
C HIS B 8 30.63 8.24 -9.92
N CYS B 9 31.81 8.26 -9.33
CA CYS B 9 32.99 8.70 -10.07
C CYS B 9 33.40 7.62 -11.04
N PRO B 10 33.53 7.93 -12.35
CA PRO B 10 33.92 6.86 -13.26
C PRO B 10 35.36 6.39 -13.08
N TYR B 11 36.22 7.29 -12.61
CA TYR B 11 37.62 6.93 -12.36
C TYR B 11 37.70 5.95 -11.19
N CYS B 12 36.85 6.13 -10.20
CA CYS B 12 36.76 5.19 -9.07
C CYS B 12 36.22 3.85 -9.56
N LEU B 13 35.23 3.85 -10.43
CA LEU B 13 34.73 2.59 -11.01
C LEU B 13 35.87 1.86 -11.73
N LYS B 14 36.72 2.58 -12.46
CA LYS B 14 37.86 1.93 -13.18
C LYS B 14 38.66 1.13 -12.17
N ALA B 15 39.02 1.76 -11.07
CA ALA B 15 39.82 1.10 -10.03
C ALA B 15 39.06 -0.06 -9.40
N ARG B 16 37.78 0.10 -9.10
CA ARG B 16 36.96 -0.99 -8.55
C ARG B 16 36.94 -2.17 -9.53
N MET B 17 36.90 -1.92 -10.83
CA MET B 17 36.77 -3.05 -11.78
C MET B 17 37.90 -4.05 -11.61
N ILE B 18 39.15 -3.62 -11.42
CA ILE B 18 40.26 -4.60 -11.39
C ILE B 18 40.16 -5.49 -10.15
N PHE B 19 39.71 -4.96 -9.02
CA PHE B 19 39.51 -5.75 -7.80
C PHE B 19 38.42 -6.78 -8.01
N GLY B 20 37.36 -6.38 -8.67
CA GLY B 20 36.24 -7.30 -8.97
C GLY B 20 36.64 -8.37 -9.96
N LEU B 21 37.35 -8.02 -11.01
CA LEU B 21 37.75 -8.98 -12.07
C LEU B 21 38.70 -10.03 -11.51
N LYS B 22 39.55 -9.63 -10.58
CA LYS B 22 40.56 -10.55 -10.01
C LYS B 22 40.12 -11.12 -8.66
N ASN B 23 38.93 -10.81 -8.18
CA ASN B 23 38.43 -11.31 -6.88
C ASN B 23 39.43 -10.97 -5.78
N ILE B 24 39.95 -9.75 -5.78
CA ILE B 24 40.89 -9.28 -4.74
C ILE B 24 40.09 -8.43 -3.75
N PRO B 25 40.15 -8.73 -2.43
CA PRO B 25 39.43 -7.94 -1.44
C PRO B 25 40.07 -6.55 -1.36
N VAL B 26 39.23 -5.57 -1.11
CA VAL B 26 39.68 -4.18 -0.89
C VAL B 26 38.63 -3.51 0.00
N GLU B 27 39.10 -2.66 0.89
CA GLU B 27 38.22 -1.95 1.83
C GLU B 27 37.81 -0.66 1.12
N LEU B 28 36.59 -0.61 0.64
CA LEU B 28 36.08 0.58 -0.07
C LEU B 28 35.65 1.56 1.00
N HIS B 29 35.88 2.81 0.76
CA HIS B 29 35.42 3.89 1.63
C HIS B 29 34.95 5.02 0.74
N VAL B 30 33.70 5.42 0.90
CA VAL B 30 33.15 6.57 0.15
C VAL B 30 33.43 7.84 0.92
N LEU B 31 34.12 8.79 0.35
CA LEU B 31 34.35 10.12 0.95
C LEU B 31 33.19 11.03 0.62
N LEU B 32 32.86 11.93 1.52
CA LEU B 32 31.89 12.99 1.16
C LEU B 32 32.47 13.88 0.08
N ASN B 33 31.60 14.36 -0.82
CA ASN B 33 32.07 15.10 -2.01
C ASN B 33 32.76 16.42 -1.60
N ASP B 34 32.41 17.00 -0.45
CA ASP B 34 33.01 18.30 -0.02
C ASP B 34 34.23 18.06 0.85
N ASP B 35 34.69 16.82 1.01
CA ASP B 35 35.82 16.51 1.92
C ASP B 35 37.14 16.73 1.15
N ALA B 36 37.75 17.89 1.35
CA ALA B 36 39.09 18.18 0.78
C ALA B 36 40.18 17.68 1.72
N GLU B 37 39.95 17.72 3.00
CA GLU B 37 41.00 17.40 4.00
C GLU B 37 41.50 15.96 3.83
N THR B 38 40.61 14.99 3.74
CA THR B 38 41.05 13.60 3.73
C THR B 38 41.94 13.33 2.52
N PRO B 39 41.46 13.56 1.28
CA PRO B 39 42.32 13.22 0.14
C PRO B 39 43.58 14.08 0.07
N THR B 40 43.51 15.30 0.58
CA THR B 40 44.71 16.17 0.55
C THR B 40 45.76 15.63 1.53
N ARG B 41 45.36 15.15 2.70
CA ARG B 41 46.30 14.53 3.64
C ARG B 41 46.92 13.31 2.96
N MET B 42 46.12 12.55 2.22
CA MET B 42 46.64 11.28 1.64
C MET B 42 47.61 11.54 0.49
N VAL B 43 47.23 12.35 -0.51
CA VAL B 43 48.04 12.44 -1.76
C VAL B 43 48.38 13.88 -2.12
N GLY B 44 48.04 14.86 -1.30
CA GLY B 44 48.40 16.28 -1.51
C GLY B 44 47.48 17.01 -2.45
N GLN B 45 46.31 16.46 -2.75
CA GLN B 45 45.32 17.10 -3.64
C GLN B 45 43.96 16.48 -3.36
N LYS B 46 42.88 17.21 -3.64
CA LYS B 46 41.52 16.66 -3.53
C LYS B 46 41.17 15.93 -4.83
N GLN B 47 41.22 14.62 -4.78
CA GLN B 47 40.91 13.77 -5.93
C GLN B 47 40.59 12.37 -5.44
N VAL B 48 39.79 11.67 -6.21
CA VAL B 48 39.54 10.23 -5.97
C VAL B 48 39.56 9.56 -7.34
N PRO B 49 39.98 8.29 -7.48
CA PRO B 49 40.25 7.40 -6.37
C PRO B 49 41.66 7.50 -5.79
N ILE B 50 41.75 7.05 -4.55
CA ILE B 50 43.05 6.94 -3.83
C ILE B 50 43.15 5.52 -3.27
N LEU B 51 44.22 4.85 -3.66
CA LEU B 51 44.56 3.51 -3.11
C LEU B 51 45.44 3.65 -1.89
N GLN B 52 45.17 2.93 -0.81
CA GLN B 52 46.19 2.72 0.24
C GLN B 52 46.76 1.34 0.07
N LYS B 53 48.05 1.29 -0.25
CA LYS B 53 48.80 0.02 -0.31
C LYS B 53 48.94 -0.60 1.09
N ASP B 54 49.25 -1.89 1.13
CA ASP B 54 49.33 -2.58 2.42
C ASP B 54 50.42 -1.98 3.32
N ASP B 55 51.46 -1.36 2.76
CA ASP B 55 52.56 -0.74 3.53
C ASP B 55 52.20 0.67 4.01
N SER B 56 50.95 1.09 3.77
CA SER B 56 50.33 2.36 4.22
CA SER B 56 50.36 2.37 4.24
C SER B 56 50.56 3.52 3.24
N ARG B 57 51.33 3.35 2.16
CA ARG B 57 51.47 4.39 1.14
C ARG B 57 50.13 4.66 0.45
N TYR B 58 49.85 5.93 0.17
CA TYR B 58 48.66 6.33 -0.61
C TYR B 58 49.09 6.63 -2.03
N MET B 59 48.32 6.17 -3.00
CA MET B 59 48.63 6.42 -4.41
C MET B 59 47.33 6.79 -5.14
N PRO B 60 47.35 7.92 -5.85
CA PRO B 60 46.22 8.33 -6.68
C PRO B 60 46.33 7.74 -8.09
N GLU B 61 45.34 8.07 -8.91
CA GLU B 61 45.27 7.87 -10.37
C GLU B 61 44.70 6.49 -10.71
N SER B 62 43.48 6.50 -11.19
CA SER B 62 42.77 5.26 -11.56
C SER B 62 43.64 4.28 -12.33
N MET B 63 44.27 4.71 -13.43
CA MET B 63 45.00 3.71 -14.25
C MET B 63 46.31 3.27 -13.59
N ASP B 64 46.91 4.08 -12.77
CA ASP B 64 48.08 3.63 -11.98
C ASP B 64 47.60 2.54 -11.01
N ILE B 65 46.45 2.75 -10.38
CA ILE B 65 45.90 1.73 -9.45
C ILE B 65 45.59 0.46 -10.22
N VAL B 66 44.91 0.58 -11.37
CA VAL B 66 44.54 -0.62 -12.16
C VAL B 66 45.83 -1.39 -12.52
N HIS B 67 46.84 -0.70 -13.00
CA HIS B 67 48.08 -1.36 -13.47
C HIS B 67 48.78 -2.03 -12.28
N TYR B 68 48.88 -1.31 -11.17
CA TYR B 68 49.52 -1.83 -9.96
C TYR B 68 48.84 -3.11 -9.52
N VAL B 69 47.51 -3.07 -9.38
CA VAL B 69 46.77 -4.26 -8.87
C VAL B 69 46.83 -5.39 -9.89
N ASP B 70 46.74 -5.11 -11.17
CA ASP B 70 46.74 -6.20 -12.17
C ASP B 70 48.07 -6.94 -12.15
N LYS B 71 49.16 -6.29 -11.77
CA LYS B 71 50.51 -6.94 -11.80
C LYS B 71 50.78 -7.68 -10.50
N LEU B 72 50.03 -7.47 -9.41
CA LEU B 72 50.46 -8.01 -8.10
C LEU B 72 50.68 -9.52 -8.16
N ASP B 73 49.84 -10.25 -8.85
CA ASP B 73 49.91 -11.74 -8.82
C ASP B 73 50.81 -12.25 -9.94
N GLY B 74 51.41 -11.37 -10.72
CA GLY B 74 52.26 -11.77 -11.87
C GLY B 74 51.45 -12.30 -13.04
N LYS B 75 50.11 -12.21 -13.01
CA LYS B 75 49.24 -12.72 -14.10
C LYS B 75 48.23 -11.63 -14.48
N PRO B 76 48.67 -10.57 -15.17
CA PRO B 76 47.75 -9.50 -15.52
C PRO B 76 46.65 -10.05 -16.43
N LEU B 77 45.45 -9.57 -16.20
CA LEU B 77 44.25 -9.89 -17.01
C LEU B 77 44.12 -8.95 -18.21
N LEU B 78 44.58 -7.70 -18.12
CA LEU B 78 44.23 -6.65 -19.12
C LEU B 78 45.28 -6.70 -20.24
N THR B 79 45.23 -7.79 -20.97
CA THR B 79 46.23 -8.15 -22.00
C THR B 79 45.68 -8.01 -23.40
N GLY B 80 44.39 -7.77 -23.56
CA GLY B 80 43.81 -7.68 -24.90
C GLY B 80 44.13 -6.37 -25.59
N LYS B 81 43.97 -6.38 -26.90
CA LYS B 81 44.10 -5.17 -27.72
C LYS B 81 43.04 -4.15 -27.33
N ARG B 82 43.40 -2.89 -27.42
CA ARG B 82 42.46 -1.75 -27.42
C ARG B 82 42.05 -1.51 -28.86
N SER B 83 41.11 -0.61 -29.09
CA SER B 83 40.51 -0.33 -30.41
C SER B 83 40.49 1.16 -30.67
N PRO B 84 41.10 1.65 -31.77
CA PRO B 84 40.97 3.08 -32.11
C PRO B 84 39.51 3.51 -32.26
N ALA B 85 38.64 2.65 -32.79
CA ALA B 85 37.22 2.99 -32.95
C ALA B 85 36.57 3.21 -31.60
N ILE B 86 36.94 2.42 -30.60
CA ILE B 86 36.34 2.59 -29.24
C ILE B 86 36.89 3.88 -28.69
N GLU B 87 38.17 4.19 -28.88
CA GLU B 87 38.75 5.42 -28.33
C GLU B 87 38.00 6.59 -28.96
N GLU B 88 37.77 6.54 -30.26
CA GLU B 88 37.11 7.69 -30.93
C GLU B 88 35.68 7.80 -30.35
N TRP B 89 34.97 6.69 -30.20
CA TRP B 89 33.59 6.71 -29.64
C TRP B 89 33.61 7.35 -28.25
N LEU B 90 34.54 6.98 -27.42
CA LEU B 90 34.60 7.49 -26.03
C LEU B 90 34.91 8.98 -26.05
N ARG B 91 35.82 9.40 -26.92
CA ARG B 91 36.17 10.84 -27.03
C ARG B 91 34.90 11.61 -27.32
N LYS B 92 34.07 11.11 -28.22
CA LYS B 92 32.84 11.85 -28.57
CA LYS B 92 32.82 11.82 -28.59
C LYS B 92 31.88 11.85 -27.39
N VAL B 93 31.59 10.68 -26.84
CA VAL B 93 30.52 10.58 -25.84
C VAL B 93 30.96 11.15 -24.51
N ASN B 94 32.22 11.01 -24.13
CA ASN B 94 32.73 11.70 -22.92
C ASN B 94 32.65 13.21 -23.11
N GLY B 95 32.57 13.70 -24.35
CA GLY B 95 32.40 15.13 -24.61
C GLY B 95 31.06 15.68 -24.17
N TYR B 96 30.04 14.86 -23.94
CA TYR B 96 28.73 15.43 -23.60
C TYR B 96 27.95 14.61 -22.59
N ALA B 97 28.37 13.40 -22.18
CA ALA B 97 27.52 12.52 -21.32
C ALA B 97 27.31 13.18 -19.96
N ASN B 98 28.24 14.00 -19.49
CA ASN B 98 28.03 14.67 -18.18
C ASN B 98 26.80 15.58 -18.18
N LYS B 99 26.35 16.01 -19.33
CA LYS B 99 25.14 16.86 -19.41
C LYS B 99 23.91 16.06 -18.97
N LEU B 100 23.90 14.76 -19.17
CA LEU B 100 22.86 13.86 -18.59
C LEU B 100 23.21 13.42 -17.19
N LEU B 101 24.45 13.07 -16.96
CA LEU B 101 24.80 12.39 -15.70
C LEU B 101 24.84 13.37 -14.53
N LEU B 102 25.47 14.52 -14.65
CA LEU B 102 25.73 15.36 -13.45
C LEU B 102 24.43 15.76 -12.76
N PRO B 103 23.40 16.27 -13.47
CA PRO B 103 22.19 16.69 -12.76
C PRO B 103 21.46 15.52 -12.12
N ARG B 104 21.62 14.32 -12.65
CA ARG B 104 20.98 13.12 -12.10
C ARG B 104 21.77 12.64 -10.89
N PHE B 105 23.10 12.62 -10.97
CA PHE B 105 23.93 12.33 -9.80
C PHE B 105 23.48 13.19 -8.63
N ALA B 106 23.39 14.50 -8.87
CA ALA B 106 23.12 15.49 -7.82
C ALA B 106 21.83 15.19 -7.08
N LYS B 107 20.83 14.60 -7.72
CA LYS B 107 19.52 14.33 -7.07
CA LYS B 107 19.52 14.33 -7.07
C LYS B 107 19.53 13.00 -6.33
N SER B 108 20.51 12.14 -6.59
CA SER B 108 20.40 10.70 -6.27
C SER B 108 21.04 10.32 -4.94
N ALA B 109 20.69 9.15 -4.45
CA ALA B 109 21.07 8.67 -3.10
C ALA B 109 22.43 8.01 -3.09
N PHE B 110 23.47 8.77 -3.45
CA PHE B 110 24.86 8.30 -3.35
C PHE B 110 25.46 8.70 -2.02
N ASP B 111 26.29 7.85 -1.46
CA ASP B 111 26.88 8.06 -0.11
C ASP B 111 27.68 9.37 -0.10
N GLU B 112 28.37 9.73 -1.17
CA GLU B 112 29.20 10.95 -1.20
C GLU B 112 28.34 12.21 -1.07
N PHE B 113 27.03 12.12 -1.25
CA PHE B 113 26.12 13.28 -1.13
C PHE B 113 25.28 13.18 0.14
N SER B 114 25.70 12.42 1.13
CA SER B 114 24.78 12.10 2.25
C SER B 114 24.59 13.28 3.20
N THR B 115 25.38 14.34 3.14
CA THR B 115 25.10 15.57 3.91
C THR B 115 24.61 16.63 2.95
N PRO B 116 23.74 17.55 3.41
CA PRO B 116 23.32 18.64 2.54
C PRO B 116 24.52 19.40 1.96
N ALA B 117 25.54 19.66 2.77
CA ALA B 117 26.69 20.47 2.32
C ALA B 117 27.48 19.70 1.25
N ALA B 118 27.61 18.38 1.36
CA ALA B 118 28.31 17.60 0.32
C ALA B 118 27.54 17.64 -1.01
N ARG B 119 26.24 17.48 -0.95
CA ARG B 119 25.40 17.54 -2.16
C ARG B 119 25.45 18.94 -2.76
N LYS B 120 25.34 19.98 -1.91
CA LYS B 120 25.37 21.35 -2.41
C LYS B 120 26.72 21.69 -3.03
N TYR B 121 27.81 21.20 -2.47
CA TYR B 121 29.16 21.42 -3.00
C TYR B 121 29.21 20.90 -4.43
N PHE B 122 28.74 19.67 -4.64
CA PHE B 122 28.72 19.07 -6.00
C PHE B 122 27.88 19.92 -6.97
N VAL B 123 26.70 20.31 -6.52
CA VAL B 123 25.82 21.16 -7.36
C VAL B 123 26.56 22.43 -7.74
N ASP B 124 27.17 23.09 -6.77
CA ASP B 124 27.77 24.41 -7.05
C ASP B 124 29.02 24.24 -7.94
N LYS B 125 29.87 23.27 -7.68
CA LYS B 125 31.09 23.09 -8.48
C LYS B 125 30.67 22.71 -9.91
N LYS B 126 29.73 21.77 -10.04
CA LYS B 126 29.37 21.20 -11.37
C LYS B 126 28.50 22.18 -12.15
N GLU B 127 27.63 22.95 -11.52
CA GLU B 127 26.86 23.94 -12.32
C GLU B 127 27.85 24.95 -12.91
N ALA B 128 28.91 25.32 -12.18
CA ALA B 128 29.90 26.31 -12.64
C ALA B 128 30.64 25.80 -13.87
N SER B 129 30.93 24.50 -13.94
CA SER B 129 31.73 23.91 -15.03
C SER B 129 30.82 23.42 -16.17
N ALA B 130 29.70 22.78 -15.88
CA ALA B 130 28.88 22.08 -16.90
C ALA B 130 27.65 22.89 -17.31
N GLY B 131 27.19 23.81 -16.45
CA GLY B 131 26.01 24.64 -16.71
C GLY B 131 24.90 24.32 -15.74
N ASN B 132 23.95 25.23 -15.69
CA ASN B 132 22.75 25.17 -14.86
C ASN B 132 22.04 23.82 -15.04
N PHE B 133 21.77 23.12 -13.94
CA PHE B 133 21.22 21.75 -14.00
C PHE B 133 19.78 21.75 -14.48
N ALA B 134 18.97 22.73 -14.14
CA ALA B 134 17.59 22.80 -14.67
C ALA B 134 17.67 22.91 -16.20
N ASP B 135 18.64 23.64 -16.75
CA ASP B 135 18.79 23.82 -18.23
C ASP B 135 19.31 22.53 -18.85
N LEU B 136 20.24 21.88 -18.20
CA LEU B 136 20.70 20.56 -18.70
C LEU B 136 19.51 19.60 -18.74
N LEU B 137 18.70 19.54 -17.68
CA LEU B 137 17.57 18.61 -17.64
C LEU B 137 16.52 18.97 -18.69
N ALA B 138 16.33 20.26 -18.99
CA ALA B 138 15.41 20.71 -20.06
C ALA B 138 15.76 20.08 -21.41
N HIS B 139 17.02 19.82 -21.65
CA HIS B 139 17.52 19.22 -22.90
C HIS B 139 17.62 17.70 -22.82
N SER B 140 17.12 17.08 -21.76
CA SER B 140 17.22 15.61 -21.58
C SER B 140 16.82 14.85 -22.85
N ASP B 141 15.65 15.10 -23.43
CA ASP B 141 15.17 14.23 -24.52
C ASP B 141 16.11 14.30 -25.72
N GLY B 142 16.62 15.47 -26.04
CA GLY B 142 17.60 15.61 -27.14
C GLY B 142 18.88 14.86 -26.78
N LEU B 143 19.38 15.05 -25.58
CA LEU B 143 20.63 14.37 -25.14
C LEU B 143 20.44 12.85 -25.12
N ILE B 144 19.28 12.37 -24.69
CA ILE B 144 18.94 10.93 -24.68
C ILE B 144 18.89 10.40 -26.09
N LYS B 145 18.37 11.16 -27.02
CA LYS B 145 18.40 10.75 -28.43
C LYS B 145 19.85 10.60 -28.85
N ASN B 146 20.69 11.57 -28.53
CA ASN B 146 22.11 11.55 -28.94
C ASN B 146 22.78 10.30 -28.36
N ILE B 147 22.61 10.03 -27.08
CA ILE B 147 23.21 8.81 -26.43
CA ILE B 147 23.30 8.83 -26.52
C ILE B 147 22.69 7.56 -27.14
N SER B 148 21.38 7.52 -27.37
CA SER B 148 20.77 6.29 -27.94
C SER B 148 21.35 6.08 -29.34
N ASP B 149 21.48 7.14 -30.10
CA ASP B 149 22.06 7.05 -31.46
C ASP B 149 23.51 6.59 -31.35
N ASP B 150 24.28 7.20 -30.45
CA ASP B 150 25.71 6.81 -30.27
C ASP B 150 25.79 5.36 -29.79
N LEU B 151 24.91 4.89 -28.92
CA LEU B 151 24.97 3.49 -28.47
C LEU B 151 24.71 2.55 -29.64
N ARG B 152 23.91 2.95 -30.64
CA ARG B 152 23.67 2.06 -31.79
C ARG B 152 24.96 1.87 -32.57
N ALA B 153 25.80 2.89 -32.65
CA ALA B 153 27.14 2.80 -33.29
C ALA B 153 28.05 1.89 -32.46
N LEU B 154 28.01 2.05 -31.15
CA LEU B 154 28.84 1.22 -30.25
C LEU B 154 28.46 -0.26 -30.39
N ASP B 155 27.19 -0.52 -30.55
CA ASP B 155 26.65 -1.89 -30.61
C ASP B 155 27.43 -2.71 -31.63
N LYS B 156 27.77 -2.08 -32.75
CA LYS B 156 28.45 -2.83 -33.84
C LYS B 156 29.87 -3.23 -33.44
N LEU B 157 30.45 -2.52 -32.47
CA LEU B 157 31.85 -2.69 -32.04
C LEU B 157 31.99 -3.64 -30.88
N ILE B 158 30.91 -4.05 -30.25
CA ILE B 158 30.99 -4.97 -29.07
C ILE B 158 31.26 -6.38 -29.58
N VAL B 159 32.48 -6.88 -29.44
CA VAL B 159 32.86 -8.18 -30.05
C VAL B 159 32.28 -9.33 -29.24
N LYS B 160 32.32 -9.27 -27.92
CA LYS B 160 31.75 -10.31 -27.05
C LYS B 160 31.11 -9.64 -25.87
N PRO B 161 30.09 -10.26 -25.26
CA PRO B 161 29.45 -9.68 -24.08
C PRO B 161 30.40 -9.57 -22.89
N ASN B 162 31.45 -10.40 -22.86
CA ASN B 162 32.36 -10.41 -21.71
C ASN B 162 33.59 -9.49 -21.90
N ALA B 163 33.86 -8.98 -23.09
CA ALA B 163 35.06 -8.18 -23.37
C ALA B 163 34.86 -7.42 -24.67
N VAL B 164 34.92 -6.09 -24.59
CA VAL B 164 34.44 -5.24 -25.72
C VAL B 164 35.22 -5.59 -27.00
N ASN B 165 36.50 -5.93 -26.91
CA ASN B 165 37.30 -6.19 -28.14
C ASN B 165 37.56 -7.68 -28.26
N GLY B 166 36.95 -8.50 -27.44
CA GLY B 166 37.03 -9.97 -27.56
C GLY B 166 37.90 -10.60 -26.49
N GLU B 167 38.83 -9.86 -25.91
CA GLU B 167 39.75 -10.29 -24.84
C GLU B 167 39.79 -9.13 -23.86
N LEU B 168 39.70 -9.35 -22.57
CA LEU B 168 39.71 -8.22 -21.59
C LEU B 168 40.84 -7.26 -21.90
N SER B 169 40.53 -5.97 -21.88
CA SER B 169 41.50 -4.94 -22.26
C SER B 169 41.24 -3.69 -21.46
N GLU B 170 42.13 -2.72 -21.55
CA GLU B 170 41.91 -1.41 -20.93
C GLU B 170 40.67 -0.71 -21.55
N ASP B 171 40.23 -1.10 -22.74
CA ASP B 171 38.97 -0.54 -23.28
C ASP B 171 37.79 -0.93 -22.40
N ASP B 172 37.82 -2.10 -21.78
CA ASP B 172 36.74 -2.44 -20.83
C ASP B 172 36.78 -1.49 -19.66
N ILE B 173 37.95 -1.22 -19.12
CA ILE B 173 38.13 -0.26 -17.99
C ILE B 173 37.62 1.11 -18.41
N GLN B 174 37.84 1.55 -19.65
CA GLN B 174 37.44 2.90 -20.08
C GLN B 174 35.96 2.97 -20.45
N LEU B 175 35.38 1.88 -20.89
CA LEU B 175 33.98 1.90 -21.41
C LEU B 175 32.95 1.58 -20.31
N PHE B 176 33.19 0.54 -19.52
CA PHE B 176 32.16 0.06 -18.59
C PHE B 176 31.73 1.14 -17.61
N PRO B 177 32.60 1.98 -17.03
CA PRO B 177 32.12 2.97 -16.06
C PRO B 177 31.07 3.91 -16.67
N LEU B 178 31.27 4.35 -17.91
CA LEU B 178 30.31 5.22 -18.62
C LEU B 178 28.98 4.48 -18.77
N LEU B 179 29.01 3.25 -19.24
CA LEU B 179 27.75 2.52 -19.44
C LEU B 179 27.05 2.27 -18.10
N ARG B 180 27.80 1.97 -17.06
CA ARG B 180 27.23 1.77 -15.70
C ARG B 180 26.54 3.06 -15.29
N ASN B 181 27.22 4.17 -15.42
CA ASN B 181 26.59 5.46 -14.98
C ASN B 181 25.38 5.81 -15.85
N LEU B 182 25.41 5.48 -17.14
CA LEU B 182 24.29 5.81 -18.04
C LEU B 182 23.01 5.07 -17.64
N THR B 183 23.13 3.99 -16.90
CA THR B 183 21.92 3.29 -16.42
C THR B 183 21.16 4.15 -15.41
N LEU B 184 21.73 5.24 -14.91
CA LEU B 184 20.95 6.22 -14.12
C LEU B 184 20.01 7.05 -14.97
N VAL B 185 20.18 7.06 -16.29
CA VAL B 185 19.41 7.98 -17.16
C VAL B 185 18.19 7.23 -17.68
N ALA B 186 17.03 7.55 -17.13
CA ALA B 186 15.78 6.96 -17.63
C ALA B 186 15.57 7.37 -19.08
N GLY B 187 15.13 6.44 -19.92
CA GLY B 187 14.70 6.78 -21.27
C GLY B 187 15.66 6.37 -22.35
N ILE B 188 16.87 5.98 -22.01
CA ILE B 188 17.86 5.57 -23.03
C ILE B 188 17.32 4.31 -23.72
N ASN B 189 17.55 4.24 -25.03
CA ASN B 189 17.28 3.01 -25.80
C ASN B 189 18.59 2.22 -25.87
N TRP B 190 18.61 1.07 -25.20
CA TRP B 190 19.82 0.22 -25.08
C TRP B 190 19.79 -0.84 -26.18
N PRO B 191 20.74 -0.79 -27.12
CA PRO B 191 20.87 -1.86 -28.09
C PRO B 191 21.41 -3.14 -27.47
N SER B 192 21.07 -4.27 -28.09
CA SER B 192 21.20 -5.58 -27.41
CA SER B 192 21.21 -5.63 -27.50
C SER B 192 22.65 -5.95 -27.07
N ARG B 193 23.63 -5.68 -27.93
CA ARG B 193 25.02 -6.14 -27.62
C ARG B 193 25.61 -5.23 -26.53
N VAL B 194 25.29 -3.95 -26.55
CA VAL B 194 25.67 -3.03 -25.47
C VAL B 194 25.03 -3.50 -24.17
N ALA B 195 23.74 -3.82 -24.19
CA ALA B 195 23.03 -4.22 -22.99
C ALA B 195 23.66 -5.49 -22.43
N ASP B 196 23.92 -6.46 -23.29
CA ASP B 196 24.48 -7.73 -22.79
C ASP B 196 25.87 -7.49 -22.20
N TYR B 197 26.67 -6.66 -22.84
CA TYR B 197 28.02 -6.30 -22.35
C TYR B 197 27.91 -5.64 -20.99
N ARG B 198 27.04 -4.65 -20.89
CA ARG B 198 26.82 -3.90 -19.63
C ARG B 198 26.48 -4.91 -18.51
N ASP B 199 25.56 -5.84 -18.75
CA ASP B 199 25.12 -6.76 -17.69
C ASP B 199 26.25 -7.73 -17.33
N ASN B 200 26.97 -8.22 -18.34
CA ASN B 200 28.01 -9.25 -18.17
C ASN B 200 29.18 -8.64 -17.43
N MET B 201 29.59 -7.46 -17.85
CA MET B 201 30.73 -6.80 -17.19
C MET B 201 30.35 -6.35 -15.76
N ALA B 202 29.10 -5.99 -15.48
CA ALA B 202 28.69 -5.65 -14.09
C ALA B 202 28.90 -6.88 -13.22
N LYS B 203 28.54 -8.03 -13.73
CA LYS B 203 28.62 -9.30 -12.97
C LYS B 203 30.11 -9.63 -12.77
N GLN B 204 30.93 -9.50 -13.82
CA GLN B 204 32.38 -9.82 -13.72
C GLN B 204 33.07 -8.93 -12.68
N THR B 205 32.69 -7.68 -12.62
CA THR B 205 33.39 -6.67 -11.81
C THR B 205 32.75 -6.54 -10.43
N GLN B 206 31.59 -7.13 -10.22
CA GLN B 206 30.83 -7.02 -8.94
C GLN B 206 30.51 -5.56 -8.67
N ILE B 207 30.20 -4.81 -9.71
CA ILE B 207 29.75 -3.41 -9.57
C ILE B 207 28.29 -3.35 -9.94
N ASN B 208 27.50 -2.66 -9.14
CA ASN B 208 26.04 -2.53 -9.37
C ASN B 208 25.75 -1.61 -10.54
N LEU B 209 24.74 -1.95 -11.31
CA LEU B 209 24.10 -0.98 -12.22
C LEU B 209 23.13 -0.13 -11.42
N LEU B 210 22.68 0.95 -12.04
CA LEU B 210 21.89 2.02 -11.38
C LEU B 210 20.45 2.04 -11.91
N SER B 211 20.05 1.02 -12.63
CA SER B 211 18.76 0.99 -13.34
C SER B 211 17.62 1.28 -12.36
N SER B 212 17.67 0.72 -11.17
CA SER B 212 16.58 0.85 -10.19
C SER B 212 16.47 2.29 -9.69
N MET B 213 17.54 3.08 -9.82
CA MET B 213 17.59 4.50 -9.38
C MET B 213 17.30 5.48 -10.54
N ALA B 214 17.07 4.97 -11.75
CA ALA B 214 17.08 5.80 -12.97
C ALA B 214 16.03 6.91 -12.89
N ILE B 215 16.40 8.09 -13.33
CA ILE B 215 15.55 9.31 -13.32
C ILE B 215 15.78 10.06 -14.60
N MET C 1 -30.69 19.86 20.65
CA MET C 1 -29.91 20.10 19.41
C MET C 1 -30.58 19.42 18.23
N LYS C 2 -30.29 19.94 17.05
CA LYS C 2 -30.83 19.35 15.80
C LYS C 2 -29.71 19.14 14.82
N LEU C 3 -29.83 18.08 14.04
CA LEU C 3 -28.83 17.80 13.00
C LEU C 3 -29.57 17.71 11.67
N TYR C 4 -29.17 18.56 10.74
CA TYR C 4 -29.74 18.62 9.39
C TYR C 4 -28.83 17.80 8.49
N ILE C 5 -29.42 16.79 7.88
CA ILE C 5 -28.60 15.75 7.19
C ILE C 5 -29.21 15.27 5.88
N TYR C 6 -28.41 14.46 5.19
CA TYR C 6 -28.88 13.48 4.21
C TYR C 6 -28.55 12.14 4.87
N ASP C 7 -29.46 11.19 4.78
CA ASP C 7 -29.23 9.85 5.36
C ASP C 7 -28.00 9.17 4.72
N HIS C 8 -27.79 9.35 3.43
CA HIS C 8 -26.66 8.67 2.77
C HIS C 8 -25.31 9.34 3.04
N CYS C 9 -25.32 10.54 3.59
CA CYS C 9 -24.08 11.33 3.63
C CYS C 9 -23.14 10.83 4.72
N PRO C 10 -21.90 10.43 4.38
CA PRO C 10 -21.02 9.89 5.42
C PRO C 10 -20.59 10.95 6.44
N TYR C 11 -20.50 12.20 6.01
CA TYR C 11 -20.18 13.29 6.94
C TYR C 11 -21.30 13.47 7.96
N CYS C 12 -22.53 13.28 7.54
CA CYS C 12 -23.69 13.31 8.45
C CYS C 12 -23.62 12.12 9.39
N LEU C 13 -23.21 10.94 8.91
CA LEU C 13 -23.06 9.77 9.81
C LEU C 13 -22.01 10.09 10.88
N LYS C 14 -20.91 10.72 10.52
CA LYS C 14 -19.85 11.06 11.53
C LYS C 14 -20.48 11.86 12.65
N ALA C 15 -21.28 12.88 12.33
CA ALA C 15 -21.92 13.71 13.36
C ALA C 15 -22.91 12.85 14.16
N ARG C 16 -23.69 11.98 13.50
CA ARG C 16 -24.66 11.14 14.22
C ARG C 16 -23.94 10.22 15.19
N MET C 17 -22.75 9.77 14.82
CA MET C 17 -22.05 8.76 15.65
C MET C 17 -21.80 9.32 17.04
N ILE C 18 -21.39 10.56 17.18
CA ILE C 18 -20.98 11.02 18.54
C ILE C 18 -22.23 11.09 19.43
N PHE C 19 -23.38 11.52 18.90
CA PHE C 19 -24.63 11.52 19.69
C PHE C 19 -24.94 10.10 20.17
N GLY C 20 -24.85 9.10 19.30
CA GLY C 20 -25.17 7.73 19.70
C GLY C 20 -24.19 7.20 20.72
N LEU C 21 -22.89 7.44 20.53
CA LEU C 21 -21.85 6.89 21.42
C LEU C 21 -22.02 7.46 22.82
N LYS C 22 -22.34 8.75 22.93
CA LYS C 22 -22.48 9.43 24.24
C LYS C 22 -23.93 9.39 24.73
N ASN C 23 -24.84 8.76 23.99
CA ASN C 23 -26.27 8.67 24.40
C ASN C 23 -26.82 10.06 24.63
N ILE C 24 -26.55 10.98 23.72
CA ILE C 24 -27.11 12.35 23.78
C ILE C 24 -28.24 12.42 22.80
N PRO C 25 -29.49 12.65 23.24
CA PRO C 25 -30.62 12.80 22.33
C PRO C 25 -30.43 13.97 21.36
N VAL C 26 -30.83 13.75 20.12
CA VAL C 26 -30.75 14.80 19.07
C VAL C 26 -31.93 14.62 18.12
N GLU C 27 -32.43 15.73 17.58
CA GLU C 27 -33.43 15.67 16.53
C GLU C 27 -32.75 15.51 15.17
N LEU C 28 -33.16 14.53 14.41
CA LEU C 28 -32.65 14.38 13.03
C LEU C 28 -33.65 15.01 12.09
N HIS C 29 -33.17 15.87 11.21
CA HIS C 29 -33.98 16.51 10.15
C HIS C 29 -33.33 16.25 8.81
N VAL C 30 -33.98 15.46 7.98
CA VAL C 30 -33.42 15.16 6.63
C VAL C 30 -33.86 16.22 5.68
N LEU C 31 -32.91 16.93 5.11
CA LEU C 31 -33.19 17.95 4.06
C LEU C 31 -33.31 17.27 2.70
N LEU C 32 -34.15 17.82 1.82
CA LEU C 32 -34.19 17.33 0.41
C LEU C 32 -32.89 17.69 -0.26
N ASN C 33 -32.43 16.82 -1.14
CA ASN C 33 -31.09 16.96 -1.77
C ASN C 33 -31.02 18.22 -2.65
N ASP C 34 -32.16 18.69 -3.16
CA ASP C 34 -32.17 19.87 -4.05
C ASP C 34 -32.40 21.14 -3.26
N ASP C 35 -32.46 21.08 -1.93
CA ASP C 35 -32.77 22.29 -1.12
C ASP C 35 -31.47 23.07 -0.84
N ALA C 36 -31.17 24.08 -1.65
CA ALA C 36 -30.04 24.97 -1.39
C ALA C 36 -30.38 26.03 -0.35
N GLU C 37 -31.59 26.50 -0.36
CA GLU C 37 -31.91 27.71 0.43
C GLU C 37 -31.83 27.37 1.91
N THR C 38 -32.37 26.26 2.38
CA THR C 38 -32.37 26.02 3.86
C THR C 38 -30.95 26.01 4.41
N PRO C 39 -30.03 25.15 3.92
CA PRO C 39 -28.66 25.17 4.47
C PRO C 39 -27.98 26.52 4.25
N THR C 40 -28.24 27.19 3.11
CA THR C 40 -27.60 28.52 2.88
C THR C 40 -28.07 29.52 3.95
N ARG C 41 -29.34 29.52 4.28
CA ARG C 41 -29.83 30.37 5.38
C ARG C 41 -29.08 30.03 6.67
N MET C 42 -28.83 28.76 6.92
CA MET C 42 -28.24 28.33 8.20
C MET C 42 -26.76 28.71 8.29
N VAL C 43 -25.97 28.35 7.28
CA VAL C 43 -24.48 28.41 7.38
C VAL C 43 -23.85 29.08 6.14
N GLY C 44 -24.64 29.62 5.23
CA GLY C 44 -24.09 30.41 4.13
C GLY C 44 -23.72 29.58 2.91
N GLN C 45 -23.93 28.27 2.90
CA GLN C 45 -23.77 27.47 1.69
C GLN C 45 -24.54 26.18 1.84
N LYS C 46 -24.67 25.51 0.70
CA LYS C 46 -25.41 24.24 0.63
C LYS C 46 -24.45 23.11 0.99
N GLN C 47 -24.59 22.65 2.22
CA GLN C 47 -23.78 21.52 2.70
C GLN C 47 -24.47 20.92 3.91
N VAL C 48 -24.25 19.64 4.11
CA VAL C 48 -24.70 18.94 5.35
C VAL C 48 -23.51 18.10 5.82
N PRO C 49 -23.36 17.79 7.10
CA PRO C 49 -24.31 18.14 8.14
C PRO C 49 -24.23 19.57 8.69
N ILE C 50 -25.35 19.96 9.27
CA ILE C 50 -25.45 21.25 10.02
C ILE C 50 -26.07 20.94 11.39
N LEU C 51 -25.39 21.39 12.41
CA LEU C 51 -25.89 21.25 13.78
C LEU C 51 -26.55 22.56 14.24
N GLN C 52 -27.77 22.45 14.71
CA GLN C 52 -28.34 23.60 15.41
C GLN C 52 -28.03 23.29 16.88
N LYS C 53 -27.25 24.16 17.48
CA LYS C 53 -26.94 24.06 18.91
C LYS C 53 -28.17 24.43 19.75
N ASP C 54 -28.04 24.25 21.05
CA ASP C 54 -29.11 24.57 22.01
C ASP C 54 -29.27 26.09 22.21
N ASP C 55 -28.37 26.92 21.70
CA ASP C 55 -28.43 28.41 21.68
C ASP C 55 -29.10 28.88 20.37
N SER C 56 -29.59 27.91 19.60
CA SER C 56 -30.25 28.10 18.27
CA SER C 56 -30.25 28.08 18.26
C SER C 56 -29.39 28.50 17.01
N ARG C 57 -28.10 28.59 17.30
CA ARG C 57 -27.09 28.93 16.27
C ARG C 57 -26.72 27.66 15.51
N TYR C 58 -26.30 27.86 14.28
CA TYR C 58 -25.99 26.74 13.36
C TYR C 58 -24.48 26.64 13.18
N MET C 59 -23.99 25.41 13.13
CA MET C 59 -22.56 25.09 12.96
C MET C 59 -22.45 24.03 11.86
N PRO C 60 -21.66 24.27 10.79
CA PRO C 60 -21.39 23.24 9.81
C PRO C 60 -20.14 22.47 10.26
N GLU C 61 -19.76 21.51 9.41
CA GLU C 61 -18.52 20.67 9.45
C GLU C 61 -18.60 19.48 10.41
N SER C 62 -18.69 18.29 9.84
CA SER C 62 -18.78 17.05 10.65
C SER C 62 -17.77 16.98 11.80
N MET C 63 -16.51 17.27 11.57
CA MET C 63 -15.55 17.06 12.68
C MET C 63 -15.63 18.21 13.69
N ASP C 64 -16.03 19.37 13.24
CA ASP C 64 -16.27 20.44 14.24
C ASP C 64 -17.47 20.05 15.10
N ILE C 65 -18.50 19.47 14.50
CA ILE C 65 -19.69 19.03 15.29
C ILE C 65 -19.28 17.91 16.25
N VAL C 66 -18.53 16.94 15.76
CA VAL C 66 -18.08 15.80 16.62
C VAL C 66 -17.26 16.34 17.79
N HIS C 67 -16.31 17.23 17.50
CA HIS C 67 -15.48 17.77 18.60
C HIS C 67 -16.33 18.57 19.59
N TYR C 68 -17.23 19.39 19.08
CA TYR C 68 -18.08 20.22 19.95
C TYR C 68 -18.89 19.35 20.88
N VAL C 69 -19.56 18.34 20.31
CA VAL C 69 -20.43 17.44 21.09
C VAL C 69 -19.61 16.57 22.05
N ASP C 70 -18.45 16.09 21.62
CA ASP C 70 -17.65 15.23 22.52
C ASP C 70 -17.17 16.00 23.76
N LYS C 71 -16.89 17.28 23.61
CA LYS C 71 -16.40 18.10 24.72
C LYS C 71 -17.49 18.85 25.47
N LEU C 72 -18.75 18.71 25.09
CA LEU C 72 -19.84 19.48 25.73
C LEU C 72 -19.89 19.23 27.25
N ASP C 73 -19.67 18.01 27.70
CA ASP C 73 -19.73 17.69 29.16
C ASP C 73 -18.36 17.64 29.80
N GLY C 74 -17.31 17.99 29.05
CA GLY C 74 -15.94 17.99 29.59
C GLY C 74 -15.34 16.60 29.76
N LYS C 75 -15.99 15.57 29.25
CA LYS C 75 -15.58 14.16 29.40
C LYS C 75 -15.65 13.52 28.00
N PRO C 76 -14.75 13.89 27.10
CA PRO C 76 -14.74 13.35 25.76
C PRO C 76 -14.50 11.83 25.74
N LEU C 77 -15.10 11.21 24.76
CA LEU C 77 -14.96 9.76 24.53
C LEU C 77 -13.88 9.46 23.50
N LEU C 78 -13.64 10.35 22.55
CA LEU C 78 -12.70 10.06 21.44
C LEU C 78 -11.26 10.40 21.82
N THR C 79 -10.74 9.61 22.73
CA THR C 79 -9.40 9.90 23.29
C THR C 79 -8.40 8.84 22.86
N GLY C 80 -8.85 7.83 22.13
CA GLY C 80 -7.91 6.79 21.72
C GLY C 80 -6.97 7.25 20.63
N LYS C 81 -5.88 6.52 20.51
CA LYS C 81 -4.92 6.83 19.45
C LYS C 81 -5.50 6.46 18.08
N ARG C 82 -5.05 7.21 17.09
CA ARG C 82 -5.38 6.97 15.68
C ARG C 82 -4.25 6.13 15.06
N SER C 83 -4.50 5.63 13.87
CA SER C 83 -3.55 4.72 13.22
C SER C 83 -3.21 5.21 11.83
N PRO C 84 -1.94 5.46 11.48
CA PRO C 84 -1.60 5.80 10.13
C PRO C 84 -2.03 4.74 9.09
N ALA C 85 -2.00 3.46 9.46
CA ALA C 85 -2.43 2.37 8.54
C ALA C 85 -3.92 2.47 8.23
N ILE C 86 -4.72 2.83 9.23
CA ILE C 86 -6.17 3.02 8.97
C ILE C 86 -6.36 4.24 8.05
N GLU C 87 -5.62 5.30 8.29
CA GLU C 87 -5.78 6.51 7.44
C GLU C 87 -5.40 6.18 5.97
N GLU C 88 -4.33 5.42 5.79
CA GLU C 88 -3.87 5.02 4.45
C GLU C 88 -4.92 4.12 3.78
N TRP C 89 -5.49 3.22 4.53
CA TRP C 89 -6.55 2.35 3.98
C TRP C 89 -7.74 3.21 3.54
N LEU C 90 -8.17 4.11 4.39
CA LEU C 90 -9.32 4.99 4.07
C LEU C 90 -9.03 5.88 2.86
N ARG C 91 -7.81 6.39 2.73
CA ARG C 91 -7.50 7.24 1.55
C ARG C 91 -7.62 6.39 0.30
N LYS C 92 -7.18 5.14 0.36
CA LYS C 92 -7.34 4.22 -0.79
CA LYS C 92 -7.34 4.21 -0.79
C LYS C 92 -8.79 3.79 -1.25
N VAL C 93 -9.56 3.46 -0.21
CA VAL C 93 -10.96 3.00 -0.42
C VAL C 93 -11.92 4.18 -0.62
N ASN C 94 -11.70 5.31 0.03
CA ASN C 94 -12.50 6.50 -0.27
C ASN C 94 -12.19 7.03 -1.68
N GLY C 95 -11.05 6.67 -2.25
CA GLY C 95 -10.72 6.97 -3.65
C GLY C 95 -11.62 6.31 -4.68
N TYR C 96 -12.35 5.23 -4.36
CA TYR C 96 -13.19 4.60 -5.41
C TYR C 96 -14.55 4.10 -4.90
N ALA C 97 -14.80 4.16 -3.60
CA ALA C 97 -16.06 3.60 -3.07
C ALA C 97 -17.30 4.31 -3.62
N ASN C 98 -17.21 5.60 -3.96
CA ASN C 98 -18.37 6.34 -4.52
C ASN C 98 -18.82 5.77 -5.87
N LYS C 99 -17.95 5.09 -6.61
CA LYS C 99 -18.34 4.40 -7.87
C LYS C 99 -19.39 3.31 -7.59
N LEU C 100 -19.33 2.67 -6.43
CA LEU C 100 -20.37 1.70 -6.04
C LEU C 100 -21.53 2.41 -5.34
N LEU C 101 -21.23 3.40 -4.52
CA LEU C 101 -22.28 3.99 -3.63
C LEU C 101 -23.22 4.99 -4.33
N LEU C 102 -22.69 5.89 -5.15
CA LEU C 102 -23.55 6.97 -5.69
C LEU C 102 -24.70 6.44 -6.54
N PRO C 103 -24.50 5.51 -7.49
CA PRO C 103 -25.62 5.01 -8.28
C PRO C 103 -26.63 4.19 -7.45
N ARG C 104 -26.17 3.59 -6.36
CA ARG C 104 -27.11 2.83 -5.49
C ARG C 104 -27.87 3.82 -4.60
N PHE C 105 -27.20 4.85 -4.13
CA PHE C 105 -27.91 5.88 -3.34
C PHE C 105 -29.05 6.49 -4.17
N ALA C 106 -28.80 6.74 -5.45
CA ALA C 106 -29.73 7.43 -6.39
C ALA C 106 -31.04 6.67 -6.53
N LYS C 107 -30.96 5.36 -6.44
CA LYS C 107 -32.18 4.54 -6.52
CA LYS C 107 -32.17 4.53 -6.51
C LYS C 107 -32.96 4.18 -5.21
N SER C 108 -32.26 4.48 -4.10
CA SER C 108 -32.70 4.05 -2.75
C SER C 108 -33.68 4.98 -2.04
N ALA C 109 -34.33 4.40 -1.06
CA ALA C 109 -35.39 5.05 -0.25
C ALA C 109 -34.79 5.84 0.89
N PHE C 110 -34.11 6.93 0.53
CA PHE C 110 -33.58 7.87 1.54
C PHE C 110 -34.49 9.09 1.49
N ASP C 111 -34.78 9.69 2.63
CA ASP C 111 -35.75 10.81 2.69
C ASP C 111 -35.26 12.05 1.93
N GLU C 112 -33.96 12.23 1.70
CA GLU C 112 -33.43 13.37 0.90
C GLU C 112 -33.80 13.24 -0.59
N PHE C 113 -34.25 12.07 -1.05
CA PHE C 113 -34.68 11.83 -2.44
C PHE C 113 -36.19 11.57 -2.49
N SER C 114 -36.93 12.13 -1.54
CA SER C 114 -38.39 11.83 -1.45
C SER C 114 -39.21 12.53 -2.54
N THR C 115 -38.66 13.49 -3.25
CA THR C 115 -39.35 14.04 -4.44
C THR C 115 -38.54 13.65 -5.66
N PRO C 116 -39.18 13.53 -6.84
CA PRO C 116 -38.45 13.19 -8.04
C PRO C 116 -37.37 14.24 -8.37
N ALA C 117 -37.68 15.50 -8.15
CA ALA C 117 -36.70 16.58 -8.42
C ALA C 117 -35.48 16.50 -7.48
N ALA C 118 -35.67 16.15 -6.22
CA ALA C 118 -34.50 16.05 -5.31
C ALA C 118 -33.62 14.87 -5.75
N ARG C 119 -34.26 13.79 -6.16
CA ARG C 119 -33.50 12.60 -6.60
C ARG C 119 -32.77 12.91 -7.90
N LYS C 120 -33.41 13.61 -8.82
CA LYS C 120 -32.75 13.89 -10.12
C LYS C 120 -31.66 14.95 -9.92
N TYR C 121 -31.82 15.84 -8.97
CA TYR C 121 -30.76 16.82 -8.67
C TYR C 121 -29.49 16.06 -8.30
N PHE C 122 -29.63 15.08 -7.41
CA PHE C 122 -28.50 14.24 -7.00
C PHE C 122 -27.87 13.53 -8.20
N VAL C 123 -28.69 12.89 -9.00
CA VAL C 123 -28.16 12.14 -10.18
C VAL C 123 -27.44 13.12 -11.11
N ASP C 124 -28.04 14.27 -11.35
CA ASP C 124 -27.41 15.22 -12.30
C ASP C 124 -26.09 15.79 -11.77
N LYS C 125 -26.06 16.16 -10.49
CA LYS C 125 -24.83 16.74 -9.90
C LYS C 125 -23.75 15.66 -9.82
N LYS C 126 -24.08 14.46 -9.38
CA LYS C 126 -23.06 13.40 -9.18
C LYS C 126 -22.64 12.76 -10.50
N GLU C 127 -23.51 12.68 -11.48
CA GLU C 127 -23.05 12.16 -12.79
C GLU C 127 -22.02 13.14 -13.35
N ALA C 128 -22.29 14.43 -13.22
CA ALA C 128 -21.32 15.44 -13.67
C ALA C 128 -19.97 15.29 -12.94
N SER C 129 -19.95 15.03 -11.63
CA SER C 129 -18.68 14.96 -10.88
C SER C 129 -18.03 13.58 -10.87
N ALA C 130 -18.81 12.50 -10.85
CA ALA C 130 -18.23 11.14 -10.71
C ALA C 130 -18.40 10.30 -11.97
N GLY C 131 -19.27 10.71 -12.86
CA GLY C 131 -19.48 9.93 -14.09
C GLY C 131 -20.86 9.30 -14.17
N ASN C 132 -21.22 8.90 -15.37
CA ASN C 132 -22.51 8.27 -15.72
C ASN C 132 -22.77 7.09 -14.78
N PHE C 133 -23.98 7.04 -14.22
CA PHE C 133 -24.32 6.02 -13.22
C PHE C 133 -24.49 4.64 -13.87
N ALA C 134 -25.02 4.58 -15.09
CA ALA C 134 -25.17 3.27 -15.75
C ALA C 134 -23.77 2.70 -16.02
N ASP C 135 -22.84 3.56 -16.42
CA ASP C 135 -21.45 3.11 -16.66
C ASP C 135 -20.84 2.58 -15.35
N LEU C 136 -20.98 3.30 -14.24
CA LEU C 136 -20.45 2.84 -12.93
C LEU C 136 -21.10 1.51 -12.53
N LEU C 137 -22.41 1.40 -12.69
CA LEU C 137 -23.09 0.14 -12.33
C LEU C 137 -22.59 -1.06 -13.15
N ALA C 138 -22.20 -0.85 -14.41
CA ALA C 138 -21.68 -1.96 -15.24
C ALA C 138 -20.27 -2.39 -14.74
N HIS C 139 -19.57 -1.60 -13.93
CA HIS C 139 -18.30 -2.02 -13.30
C HIS C 139 -18.50 -2.60 -11.88
N SER C 140 -19.73 -2.92 -11.51
CA SER C 140 -20.02 -3.37 -10.11
C SER C 140 -19.21 -4.59 -9.71
N ASP C 141 -19.20 -5.63 -10.52
CA ASP C 141 -18.56 -6.89 -10.08
C ASP C 141 -17.07 -6.71 -9.78
N GLY C 142 -16.40 -5.94 -10.61
CA GLY C 142 -14.97 -5.69 -10.41
C GLY C 142 -14.75 -4.81 -9.19
N LEU C 143 -15.56 -3.77 -9.05
CA LEU C 143 -15.41 -2.88 -7.88
C LEU C 143 -15.77 -3.62 -6.58
N ILE C 144 -16.73 -4.53 -6.64
CA ILE C 144 -17.11 -5.33 -5.44
C ILE C 144 -15.94 -6.25 -5.07
N LYS C 145 -15.29 -6.83 -6.08
CA LYS C 145 -14.10 -7.64 -5.73
C LYS C 145 -13.03 -6.74 -5.11
N ASN C 146 -12.83 -5.55 -5.63
CA ASN C 146 -11.82 -4.62 -5.08
C ASN C 146 -12.16 -4.34 -3.61
N ILE C 147 -13.41 -4.00 -3.32
CA ILE C 147 -13.84 -3.73 -1.92
C ILE C 147 -13.59 -4.97 -1.06
N SER C 148 -13.99 -6.12 -1.57
CA SER C 148 -13.82 -7.37 -0.77
C SER C 148 -12.34 -7.60 -0.47
N ASP C 149 -11.48 -7.42 -1.45
CA ASP C 149 -10.03 -7.61 -1.25
C ASP C 149 -9.50 -6.55 -0.27
N ASP C 150 -9.96 -5.31 -0.40
CA ASP C 150 -9.48 -4.26 0.50
C ASP C 150 -10.00 -4.51 1.92
N LEU C 151 -11.19 -5.07 2.08
CA LEU C 151 -11.69 -5.33 3.46
C LEU C 151 -10.82 -6.41 4.12
N ARG C 152 -10.25 -7.33 3.37
CA ARG C 152 -9.35 -8.34 3.96
C ARG C 152 -8.13 -7.66 4.60
N ALA C 153 -7.60 -6.62 3.98
CA ALA C 153 -6.47 -5.86 4.56
C ALA C 153 -6.93 -5.14 5.83
N LEU C 154 -8.11 -4.55 5.81
CA LEU C 154 -8.61 -3.85 7.01
C LEU C 154 -8.84 -4.85 8.14
N ASP C 155 -9.29 -6.06 7.82
CA ASP C 155 -9.60 -7.12 8.81
C ASP C 155 -8.46 -7.35 9.80
N LYS C 156 -7.23 -7.35 9.31
CA LYS C 156 -6.02 -7.55 10.13
C LYS C 156 -5.78 -6.38 11.10
N LEU C 157 -6.36 -5.21 10.86
CA LEU C 157 -6.10 -4.02 11.69
C LEU C 157 -7.22 -3.78 12.70
N ILE C 158 -8.33 -4.49 12.64
CA ILE C 158 -9.45 -4.28 13.62
C ILE C 158 -9.02 -4.86 14.97
N VAL C 159 -8.74 -3.99 15.93
CA VAL C 159 -8.26 -4.49 17.24
C VAL C 159 -9.40 -5.11 18.03
N LYS C 160 -10.54 -4.45 18.03
CA LYS C 160 -11.73 -4.93 18.76
C LYS C 160 -12.94 -4.59 17.91
N PRO C 161 -14.05 -5.32 18.04
CA PRO C 161 -15.28 -4.93 17.34
C PRO C 161 -15.89 -3.62 17.88
N ASN C 162 -15.53 -3.20 19.10
CA ASN C 162 -16.07 -2.00 19.75
C ASN C 162 -15.21 -0.75 19.50
N ALA C 163 -14.01 -0.91 18.93
CA ALA C 163 -13.11 0.24 18.64
C ALA C 163 -12.00 -0.23 17.72
N VAL C 164 -11.86 0.40 16.57
CA VAL C 164 -10.92 -0.10 15.53
C VAL C 164 -9.48 -0.21 16.07
N ASN C 165 -9.04 0.74 16.87
CA ASN C 165 -7.65 0.70 17.38
C ASN C 165 -7.57 0.21 18.83
N GLY C 166 -8.70 -0.19 19.43
CA GLY C 166 -8.69 -0.75 20.80
C GLY C 166 -9.40 0.13 21.80
N GLU C 167 -9.25 1.41 21.59
CA GLU C 167 -9.96 2.47 22.40
CA GLU C 167 -9.94 2.48 22.39
C GLU C 167 -10.63 3.47 21.37
N LEU C 168 -11.89 3.82 21.64
CA LEU C 168 -12.66 4.72 20.74
C LEU C 168 -11.82 5.93 20.32
N SER C 169 -11.79 6.13 19.02
CA SER C 169 -10.93 7.20 18.47
C SER C 169 -11.65 7.85 17.30
N GLU C 170 -11.01 8.87 16.75
CA GLU C 170 -11.54 9.51 15.52
C GLU C 170 -11.45 8.56 14.32
N ASP C 171 -10.61 7.53 14.34
CA ASP C 171 -10.62 6.53 13.25
C ASP C 171 -11.97 5.81 13.21
N ASP C 172 -12.64 5.61 14.35
CA ASP C 172 -14.00 4.99 14.33
C ASP C 172 -14.96 5.94 13.60
N ILE C 173 -14.86 7.22 13.89
CA ILE C 173 -15.72 8.24 13.21
C ILE C 173 -15.40 8.20 11.70
N GLN C 174 -14.14 8.05 11.29
CA GLN C 174 -13.80 8.06 9.84
C GLN C 174 -14.09 6.72 9.15
N LEU C 175 -14.08 5.62 9.88
CA LEU C 175 -14.25 4.29 9.25
C LEU C 175 -15.70 3.80 9.21
N PHE C 176 -16.41 3.91 10.33
CA PHE C 176 -17.78 3.35 10.35
C PHE C 176 -18.69 3.88 9.24
N PRO C 177 -18.80 5.19 8.94
CA PRO C 177 -19.72 5.66 7.91
C PRO C 177 -19.53 4.96 6.55
N LEU C 178 -18.27 4.76 6.17
CA LEU C 178 -17.97 4.02 4.92
C LEU C 178 -18.49 2.59 5.01
N LEU C 179 -18.23 1.90 6.12
CA LEU C 179 -18.70 0.50 6.24
C LEU C 179 -20.23 0.45 6.26
N ARG C 180 -20.84 1.38 6.99
CA ARG C 180 -22.32 1.48 7.02
C ARG C 180 -22.85 1.61 5.58
N ASN C 181 -22.30 2.55 4.84
CA ASN C 181 -22.82 2.81 3.47
C ASN C 181 -22.49 1.66 2.53
N LEU C 182 -21.39 0.95 2.74
CA LEU C 182 -21.07 -0.21 1.88
C LEU C 182 -22.02 -1.38 2.08
N THR C 183 -22.80 -1.42 3.17
CA THR C 183 -23.86 -2.46 3.37
C THR C 183 -25.05 -2.26 2.40
N LEU C 184 -25.11 -1.15 1.66
CA LEU C 184 -26.10 -0.96 0.57
C LEU C 184 -25.63 -1.71 -0.67
N VAL C 185 -24.38 -2.12 -0.72
CA VAL C 185 -23.82 -2.79 -1.93
C VAL C 185 -23.95 -4.32 -1.78
N ALA C 186 -24.91 -4.85 -2.52
CA ALA C 186 -25.09 -6.32 -2.49
C ALA C 186 -23.90 -6.99 -3.19
N GLY C 187 -23.39 -8.06 -2.61
CA GLY C 187 -22.36 -8.84 -3.30
C GLY C 187 -21.00 -8.79 -2.62
N ILE C 188 -20.82 -7.82 -1.73
CA ILE C 188 -19.52 -7.74 -1.03
C ILE C 188 -19.31 -8.97 -0.13
N ASN C 189 -18.08 -9.49 -0.12
CA ASN C 189 -17.67 -10.58 0.78
C ASN C 189 -17.04 -9.89 2.01
N TRP C 190 -17.75 -9.95 3.11
CA TRP C 190 -17.33 -9.27 4.35
C TRP C 190 -16.49 -10.21 5.20
N PRO C 191 -15.25 -9.88 5.54
CA PRO C 191 -14.46 -10.72 6.43
C PRO C 191 -14.96 -10.53 7.87
N SER C 192 -14.67 -11.52 8.70
CA SER C 192 -15.31 -11.62 10.03
C SER C 192 -14.99 -10.49 11.02
N ARG C 193 -13.76 -10.01 11.08
CA ARG C 193 -13.50 -8.95 12.09
C ARG C 193 -14.13 -7.63 11.65
N VAL C 194 -14.08 -7.35 10.36
CA VAL C 194 -14.77 -6.14 9.81
C VAL C 194 -16.28 -6.31 10.05
N ALA C 195 -16.82 -7.48 9.76
CA ALA C 195 -18.27 -7.68 9.96
C ALA C 195 -18.66 -7.46 11.42
N ASP C 196 -17.89 -8.00 12.35
CA ASP C 196 -18.25 -7.86 13.79
C ASP C 196 -18.14 -6.40 14.22
N TYR C 197 -17.14 -5.71 13.68
CA TYR C 197 -16.99 -4.25 13.99
C TYR C 197 -18.17 -3.47 13.40
N ARG C 198 -18.49 -3.72 12.15
CA ARG C 198 -19.65 -3.08 11.47
C ARG C 198 -20.90 -3.26 12.33
N ASP C 199 -21.18 -4.49 12.74
CA ASP C 199 -22.39 -4.79 13.52
C ASP C 199 -22.36 -4.13 14.92
N ASN C 200 -21.23 -4.19 15.60
CA ASN C 200 -21.17 -3.65 16.98
C ASN C 200 -21.16 -2.12 16.96
N MET C 201 -20.50 -1.54 15.98
CA MET C 201 -20.46 -0.05 15.97
C MET C 201 -21.83 0.51 15.56
N ALA C 202 -22.57 -0.22 14.75
CA ALA C 202 -23.94 0.23 14.41
C ALA C 202 -24.77 0.25 15.70
N LYS C 203 -24.62 -0.77 16.53
CA LYS C 203 -25.37 -0.79 17.80
C LYS C 203 -24.89 0.31 18.74
N GLN C 204 -23.59 0.50 18.89
CA GLN C 204 -23.08 1.57 19.78
C GLN C 204 -23.53 2.97 19.32
N THR C 205 -23.57 3.20 18.02
CA THR C 205 -23.91 4.54 17.50
C THR C 205 -25.41 4.72 17.28
N GLN C 206 -26.19 3.64 17.34
CA GLN C 206 -27.65 3.66 17.05
C GLN C 206 -27.90 4.14 15.62
N ILE C 207 -27.06 3.70 14.70
CA ILE C 207 -27.22 4.02 13.26
C ILE C 207 -27.54 2.70 12.58
N ASN C 208 -28.53 2.75 11.70
CA ASN C 208 -28.93 1.49 11.04
C ASN C 208 -27.92 1.11 9.95
N LEU C 209 -27.75 -0.20 9.77
CA LEU C 209 -27.07 -0.69 8.58
C LEU C 209 -28.11 -0.75 7.45
N LEU C 210 -27.64 -0.94 6.23
CA LEU C 210 -28.48 -0.83 5.01
C LEU C 210 -28.58 -2.17 4.29
N SER C 211 -28.23 -3.25 4.99
CA SER C 211 -28.28 -4.62 4.44
C SER C 211 -29.68 -4.92 3.86
N SER C 212 -30.74 -4.50 4.54
CA SER C 212 -32.14 -4.68 4.11
C SER C 212 -32.45 -3.95 2.81
N MET C 213 -31.72 -2.91 2.43
CA MET C 213 -31.96 -2.14 1.19
C MET C 213 -30.93 -2.47 0.09
N ALA C 214 -30.07 -3.43 0.35
CA ALA C 214 -28.91 -3.68 -0.53
C ALA C 214 -29.33 -3.98 -1.96
N ILE C 215 -28.61 -3.39 -2.90
CA ILE C 215 -28.89 -3.57 -4.34
C ILE C 215 -27.56 -3.70 -5.10
N MET D 1 -25.85 -13.92 3.00
CA MET D 1 -25.74 -15.17 3.80
C MET D 1 -24.45 -15.12 4.62
N LYS D 2 -24.47 -15.88 5.73
CA LYS D 2 -23.30 -16.01 6.64
C LYS D 2 -23.06 -17.51 6.88
N LEU D 3 -21.83 -17.87 7.20
CA LEU D 3 -21.49 -19.29 7.44
C LEU D 3 -20.50 -19.36 8.61
N TYR D 4 -20.89 -20.12 9.62
CA TYR D 4 -20.14 -20.29 10.88
C TYR D 4 -19.48 -21.66 10.82
N ILE D 5 -18.16 -21.65 10.99
CA ILE D 5 -17.37 -22.88 10.71
C ILE D 5 -16.21 -23.06 11.69
N TYR D 6 -15.58 -24.21 11.51
CA TYR D 6 -14.18 -24.46 11.95
C TYR D 6 -13.45 -24.69 10.61
N ASP D 7 -12.25 -24.16 10.49
CA ASP D 7 -11.44 -24.32 9.25
C ASP D 7 -11.13 -25.80 8.98
N HIS D 8 -10.85 -26.55 10.02
CA HIS D 8 -10.47 -27.97 9.82
C HIS D 8 -11.66 -28.90 9.56
N CYS D 9 -12.86 -28.43 9.82
CA CYS D 9 -14.05 -29.31 9.79
C CYS D 9 -14.40 -29.69 8.36
N PRO D 10 -14.41 -31.01 8.02
CA PRO D 10 -14.72 -31.38 6.65
C PRO D 10 -16.16 -31.06 6.26
N TYR D 11 -17.09 -31.06 7.21
CA TYR D 11 -18.50 -30.68 6.94
C TYR D 11 -18.57 -29.19 6.56
N CYS D 12 -17.76 -28.38 7.22
CA CYS D 12 -17.64 -26.95 6.88
C CYS D 12 -17.04 -26.80 5.49
N LEU D 13 -16.05 -27.60 5.15
CA LEU D 13 -15.47 -27.53 3.79
C LEU D 13 -16.54 -27.84 2.74
N LYS D 14 -17.37 -28.84 3.00
CA LYS D 14 -18.43 -29.19 2.03
C LYS D 14 -19.27 -27.96 1.74
N ALA D 15 -19.72 -27.25 2.77
CA ALA D 15 -20.55 -26.03 2.62
C ALA D 15 -19.75 -24.98 1.84
N ARG D 16 -18.49 -24.75 2.20
CA ARG D 16 -17.63 -23.77 1.52
C ARG D 16 -17.46 -24.09 0.05
N MET D 17 -17.43 -25.36 -0.33
CA MET D 17 -17.20 -25.71 -1.75
C MET D 17 -18.28 -25.08 -2.63
N ILE D 18 -19.56 -25.12 -2.22
CA ILE D 18 -20.58 -24.68 -3.20
C ILE D 18 -20.47 -23.15 -3.38
N PHE D 19 -20.19 -22.42 -2.31
CA PHE D 19 -20.01 -20.96 -2.45
C PHE D 19 -18.84 -20.70 -3.40
N GLY D 20 -17.74 -21.45 -3.27
CA GLY D 20 -16.58 -21.26 -4.17
C GLY D 20 -16.91 -21.60 -5.59
N LEU D 21 -17.55 -22.75 -5.80
CA LEU D 21 -17.84 -23.21 -7.19
C LEU D 21 -18.70 -22.19 -7.92
N LYS D 22 -19.64 -21.56 -7.23
CA LYS D 22 -20.58 -20.63 -7.88
C LYS D 22 -20.16 -19.17 -7.67
N ASN D 23 -19.08 -18.92 -6.97
CA ASN D 23 -18.53 -17.58 -6.67
C ASN D 23 -19.61 -16.77 -5.98
N ILE D 24 -20.29 -17.36 -5.00
CA ILE D 24 -21.30 -16.64 -4.19
C ILE D 24 -20.60 -16.12 -2.96
N PRO D 25 -20.74 -14.82 -2.64
CA PRO D 25 -20.12 -14.28 -1.44
C PRO D 25 -20.85 -14.85 -0.23
N VAL D 26 -20.13 -15.00 0.86
CA VAL D 26 -20.72 -15.41 2.15
C VAL D 26 -19.83 -14.89 3.27
N GLU D 27 -20.47 -14.40 4.31
CA GLU D 27 -19.71 -13.85 5.45
C GLU D 27 -19.24 -15.05 6.29
N LEU D 28 -17.97 -15.42 6.18
CA LEU D 28 -17.40 -16.60 6.86
C LEU D 28 -16.93 -16.20 8.26
N HIS D 29 -17.40 -16.88 9.28
CA HIS D 29 -16.96 -16.68 10.67
C HIS D 29 -16.42 -17.99 11.20
N VAL D 30 -15.17 -18.00 11.64
CA VAL D 30 -14.60 -19.16 12.35
C VAL D 30 -14.96 -19.04 13.82
N LEU D 31 -15.70 -20.02 14.33
CA LEU D 31 -16.01 -20.05 15.79
C LEU D 31 -14.88 -20.74 16.53
N LEU D 32 -14.66 -20.33 17.77
CA LEU D 32 -13.69 -21.05 18.61
C LEU D 32 -14.25 -22.43 18.92
N ASN D 33 -13.37 -23.42 18.98
CA ASN D 33 -13.80 -24.81 19.10
C ASN D 33 -14.52 -25.10 20.41
N ASP D 34 -14.30 -24.31 21.46
CA ASP D 34 -14.97 -24.52 22.76
C ASP D 34 -16.25 -23.69 22.89
N ASP D 35 -16.69 -23.01 21.84
CA ASP D 35 -17.87 -22.11 21.91
C ASP D 35 -19.12 -22.94 21.68
N ALA D 36 -19.81 -23.31 22.76
CA ALA D 36 -21.08 -24.03 22.70
C ALA D 36 -22.24 -23.05 22.52
N GLU D 37 -22.12 -21.88 23.12
CA GLU D 37 -23.27 -20.94 23.27
C GLU D 37 -23.66 -20.37 21.90
N THR D 38 -22.69 -19.99 21.06
CA THR D 38 -23.04 -19.34 19.78
C THR D 38 -23.82 -20.31 18.89
N PRO D 39 -23.33 -21.52 18.58
CA PRO D 39 -24.12 -22.42 17.74
C PRO D 39 -25.44 -22.85 18.38
N THR D 40 -25.44 -22.98 19.73
CA THR D 40 -26.69 -23.38 20.39
C THR D 40 -27.74 -22.30 20.23
N ARG D 41 -27.34 -21.03 20.33
CA ARG D 41 -28.29 -19.92 20.07
C ARG D 41 -28.84 -20.01 18.65
N MET D 42 -28.03 -20.42 17.69
CA MET D 42 -28.45 -20.39 16.28
C MET D 42 -29.33 -21.60 15.93
N VAL D 43 -28.91 -22.81 16.28
CA VAL D 43 -29.59 -24.07 15.83
C VAL D 43 -29.97 -25.02 16.96
N GLY D 44 -29.70 -24.69 18.22
CA GLY D 44 -30.16 -25.51 19.36
C GLY D 44 -29.14 -26.51 19.85
N GLN D 45 -27.96 -26.59 19.24
CA GLN D 45 -26.89 -27.47 19.72
C GLN D 45 -25.54 -27.02 19.18
N LYS D 46 -24.49 -27.57 19.76
CA LYS D 46 -23.14 -27.21 19.30
C LYS D 46 -22.78 -28.04 18.06
N GLN D 47 -22.78 -27.39 16.91
CA GLN D 47 -22.36 -28.06 15.67
C GLN D 47 -22.00 -26.99 14.66
N VAL D 48 -21.17 -27.36 13.70
CA VAL D 48 -20.84 -26.49 12.53
C VAL D 48 -20.79 -27.44 11.33
N PRO D 49 -21.12 -27.02 10.10
CA PRO D 49 -21.43 -25.65 9.78
C PRO D 49 -22.88 -25.21 10.05
N ILE D 50 -23.00 -23.89 10.18
CA ILE D 50 -24.33 -23.25 10.29
C ILE D 50 -24.40 -22.11 9.28
N LEU D 51 -25.43 -22.14 8.46
CA LEU D 51 -25.72 -21.07 7.48
C LEU D 51 -26.71 -20.10 8.11
N GLN D 52 -26.46 -18.80 7.99
CA GLN D 52 -27.58 -17.84 8.17
C GLN D 52 -28.11 -17.39 6.81
N LYS D 53 -29.39 -17.65 6.57
CA LYS D 53 -30.08 -17.21 5.33
C LYS D 53 -30.26 -15.70 5.40
N ASP D 54 -30.56 -15.11 4.24
CA ASP D 54 -30.70 -13.64 4.16
C ASP D 54 -31.84 -13.18 5.06
N ASP D 55 -32.85 -14.01 5.28
CA ASP D 55 -34.04 -13.66 6.11
C ASP D 55 -33.77 -13.82 7.62
N SER D 56 -32.52 -14.18 7.96
N SER D 56 -32.53 -14.16 8.00
CA SER D 56 -31.93 -14.32 9.32
CA SER D 56 -32.02 -14.28 9.39
C SER D 56 -32.16 -15.71 9.92
C SER D 56 -32.18 -15.71 9.94
N ARG D 57 -32.87 -16.61 9.26
CA ARG D 57 -33.01 -18.00 9.76
C ARG D 57 -31.62 -18.63 9.76
N TYR D 58 -31.35 -19.45 10.76
CA TYR D 58 -30.14 -20.29 10.80
C TYR D 58 -30.52 -21.70 10.39
N MET D 59 -29.63 -22.35 9.61
CA MET D 59 -29.85 -23.71 9.14
C MET D 59 -28.54 -24.47 9.28
N PRO D 60 -28.55 -25.61 10.01
CA PRO D 60 -27.38 -26.48 10.07
C PRO D 60 -27.40 -27.46 8.89
N GLU D 61 -26.38 -28.32 8.88
CA GLU D 61 -26.23 -29.57 8.09
C GLU D 61 -25.57 -29.22 6.76
N SER D 62 -24.33 -29.62 6.62
CA SER D 62 -23.57 -29.36 5.39
C SER D 62 -24.36 -29.67 4.12
N MET D 63 -24.96 -30.86 3.99
CA MET D 63 -25.57 -31.16 2.68
C MET D 63 -26.86 -30.36 2.47
N ASP D 64 -27.59 -30.06 3.51
CA ASP D 64 -28.78 -29.17 3.40
C ASP D 64 -28.32 -27.79 2.92
N ILE D 65 -27.19 -27.31 3.43
CA ILE D 65 -26.64 -26.01 2.98
C ILE D 65 -26.20 -26.12 1.51
N VAL D 66 -25.47 -27.16 1.15
CA VAL D 66 -25.04 -27.33 -0.26
C VAL D 66 -26.25 -27.33 -1.18
N HIS D 67 -27.24 -28.16 -0.87
CA HIS D 67 -28.43 -28.30 -1.74
C HIS D 67 -29.15 -26.95 -1.82
N TYR D 68 -29.31 -26.29 -0.68
CA TYR D 68 -30.04 -24.99 -0.66
C TYR D 68 -29.35 -23.98 -1.57
N VAL D 69 -28.05 -23.82 -1.40
CA VAL D 69 -27.29 -22.80 -2.16
C VAL D 69 -27.23 -23.17 -3.64
N ASP D 70 -27.07 -24.44 -3.96
CA ASP D 70 -26.89 -24.84 -5.37
C ASP D 70 -28.22 -24.59 -6.11
N LYS D 71 -29.36 -24.60 -5.42
CA LYS D 71 -30.69 -24.41 -6.09
C LYS D 71 -31.09 -22.93 -6.19
N LEU D 72 -30.41 -22.00 -5.52
CA LEU D 72 -30.91 -20.61 -5.45
C LEU D 72 -31.09 -20.02 -6.85
N ASP D 73 -30.17 -20.26 -7.79
CA ASP D 73 -30.22 -19.61 -9.11
C ASP D 73 -30.99 -20.47 -10.11
N GLY D 74 -31.60 -21.58 -9.68
CA GLY D 74 -32.38 -22.49 -10.51
C GLY D 74 -31.49 -23.29 -11.45
N LYS D 75 -30.15 -23.25 -11.29
CA LYS D 75 -29.21 -23.95 -12.21
C LYS D 75 -28.20 -24.69 -11.34
N PRO D 76 -28.63 -25.77 -10.67
CA PRO D 76 -27.69 -26.53 -9.84
C PRO D 76 -26.49 -26.99 -10.67
N LEU D 77 -25.32 -26.96 -10.05
CA LEU D 77 -24.06 -27.44 -10.65
C LEU D 77 -23.87 -28.93 -10.34
N LEU D 78 -24.39 -29.42 -9.23
CA LEU D 78 -24.06 -30.78 -8.76
C LEU D 78 -25.06 -31.78 -9.36
N THR D 79 -24.97 -31.99 -10.67
CA THR D 79 -25.94 -32.80 -11.44
C THR D 79 -25.31 -34.11 -11.90
N GLY D 80 -24.04 -34.32 -11.62
CA GLY D 80 -23.31 -35.51 -12.10
C GLY D 80 -23.70 -36.74 -11.30
N LYS D 81 -23.47 -37.88 -11.91
CA LYS D 81 -23.63 -39.18 -11.24
C LYS D 81 -22.64 -39.27 -10.06
N ARG D 82 -23.05 -39.97 -9.02
CA ARG D 82 -22.16 -40.46 -7.95
C ARG D 82 -21.70 -41.86 -8.32
N SER D 83 -20.79 -42.40 -7.51
CA SER D 83 -20.15 -43.70 -7.78
C SER D 83 -20.22 -44.59 -6.54
N PRO D 84 -20.81 -45.80 -6.60
CA PRO D 84 -20.71 -46.72 -5.48
C PRO D 84 -19.26 -47.03 -5.05
N ALA D 85 -18.33 -47.09 -6.00
CA ALA D 85 -16.93 -47.35 -5.70
C ALA D 85 -16.34 -46.19 -4.86
N ILE D 86 -16.66 -44.96 -5.19
CA ILE D 86 -16.19 -43.80 -4.38
C ILE D 86 -16.85 -43.88 -2.98
N GLU D 87 -18.15 -44.19 -2.88
CA GLU D 87 -18.82 -44.29 -1.55
C GLU D 87 -18.10 -45.36 -0.72
N GLU D 88 -17.77 -46.51 -1.32
CA GLU D 88 -17.14 -47.59 -0.55
C GLU D 88 -15.75 -47.14 -0.08
N TRP D 89 -15.00 -46.50 -0.99
CA TRP D 89 -13.64 -45.99 -0.69
C TRP D 89 -13.75 -45.03 0.49
N LEU D 90 -14.68 -44.08 0.43
CA LEU D 90 -14.82 -43.10 1.53
C LEU D 90 -15.23 -43.75 2.84
N ARG D 91 -16.09 -44.78 2.81
CA ARG D 91 -16.50 -45.43 4.08
C ARG D 91 -15.25 -46.05 4.74
N LYS D 92 -14.39 -46.66 3.92
CA LYS D 92 -13.15 -47.27 4.47
C LYS D 92 -12.24 -46.18 5.04
N VAL D 93 -11.89 -45.17 4.24
CA VAL D 93 -10.84 -44.20 4.61
C VAL D 93 -11.36 -43.26 5.69
N ASN D 94 -12.63 -42.85 5.64
CA ASN D 94 -13.20 -42.07 6.75
C ASN D 94 -13.18 -42.89 8.03
N GLY D 95 -13.12 -44.21 7.92
CA GLY D 95 -13.09 -45.03 9.14
C GLY D 95 -11.77 -44.97 9.89
N TYR D 96 -10.70 -44.40 9.31
CA TYR D 96 -9.40 -44.33 10.03
C TYR D 96 -8.64 -43.01 9.83
N ALA D 97 -9.01 -42.18 8.86
CA ALA D 97 -8.19 -40.99 8.54
C ALA D 97 -8.04 -40.07 9.75
N ASN D 98 -9.00 -40.02 10.68
CA ASN D 98 -8.89 -39.11 11.84
C ASN D 98 -7.71 -39.51 12.72
N LYS D 99 -7.23 -40.74 12.61
CA LYS D 99 -6.02 -41.17 13.37
C LYS D 99 -4.82 -40.33 12.94
N LEU D 100 -4.78 -39.95 11.68
CA LEU D 100 -3.73 -39.02 11.16
C LEU D 100 -4.14 -37.58 11.39
N LEU D 101 -5.40 -37.27 11.15
CA LEU D 101 -5.79 -35.86 11.08
C LEU D 101 -5.95 -35.23 12.45
N LEU D 102 -6.60 -35.86 13.43
CA LEU D 102 -6.94 -35.16 14.69
C LEU D 102 -5.69 -34.69 15.42
N PRO D 103 -4.64 -35.51 15.59
CA PRO D 103 -3.49 -35.04 16.36
C PRO D 103 -2.76 -33.92 15.61
N ARG D 104 -2.83 -33.91 14.29
CA ARG D 104 -2.20 -32.84 13.50
C ARG D 104 -3.04 -31.58 13.55
N PHE D 105 -4.36 -31.68 13.44
CA PHE D 105 -5.24 -30.51 13.63
C PHE D 105 -4.88 -29.86 14.98
N ALA D 106 -4.75 -30.67 16.04
CA ALA D 106 -4.58 -30.14 17.42
C ALA D 106 -3.31 -29.31 17.54
N LYS D 107 -2.31 -29.57 16.71
N LYS D 107 -2.31 -29.57 16.71
CA LYS D 107 -1.01 -28.86 16.77
CA LYS D 107 -1.00 -28.86 16.78
C LYS D 107 -1.01 -27.62 15.87
C LYS D 107 -1.00 -27.64 15.86
N SER D 108 -1.95 -27.50 14.94
CA SER D 108 -1.78 -26.60 13.76
C SER D 108 -2.50 -25.27 13.91
N ALA D 109 -2.17 -24.35 13.01
CA ALA D 109 -2.60 -22.92 13.08
C ALA D 109 -3.95 -22.78 12.40
N PHE D 110 -4.98 -23.30 13.03
CA PHE D 110 -6.39 -23.04 12.64
C PHE D 110 -7.01 -22.05 13.62
N ASP D 111 -7.85 -21.14 13.11
CA ASP D 111 -8.36 -20.03 13.93
C ASP D 111 -9.26 -20.54 15.05
N GLU D 112 -9.93 -21.68 14.86
CA GLU D 112 -10.81 -22.24 15.91
C GLU D 112 -10.00 -22.71 17.16
N PHE D 113 -8.67 -22.80 17.04
CA PHE D 113 -7.77 -23.20 18.16
C PHE D 113 -6.88 -21.99 18.56
N SER D 114 -7.32 -20.76 18.29
CA SER D 114 -6.44 -19.59 18.50
C SER D 114 -6.33 -19.21 19.98
N THR D 115 -7.15 -19.75 20.86
CA THR D 115 -6.94 -19.56 22.31
C THR D 115 -6.45 -20.87 22.89
N PRO D 116 -5.66 -20.80 23.98
CA PRO D 116 -5.27 -22.01 24.68
C PRO D 116 -6.45 -22.89 25.07
N ALA D 117 -7.51 -22.30 25.61
CA ALA D 117 -8.67 -23.09 26.08
C ALA D 117 -9.37 -23.78 24.90
N ALA D 118 -9.49 -23.11 23.75
CA ALA D 118 -10.18 -23.73 22.60
C ALA D 118 -9.35 -24.93 22.10
N ARG D 119 -8.04 -24.79 22.04
CA ARG D 119 -7.16 -25.88 21.57
C ARG D 119 -7.23 -27.03 22.59
N LYS D 120 -7.19 -26.71 23.88
CA LYS D 120 -7.19 -27.77 24.92
C LYS D 120 -8.54 -28.51 24.90
N TYR D 121 -9.63 -27.79 24.66
CA TYR D 121 -10.98 -28.39 24.57
C TYR D 121 -10.98 -29.43 23.47
N PHE D 122 -10.42 -29.08 22.31
CA PHE D 122 -10.41 -30.04 21.17
C PHE D 122 -9.56 -31.28 21.53
N VAL D 123 -8.38 -31.05 22.11
CA VAL D 123 -7.48 -32.16 22.53
C VAL D 123 -8.22 -33.06 23.52
N ASP D 124 -8.85 -32.46 24.51
CA ASP D 124 -9.44 -33.30 25.57
C ASP D 124 -10.64 -34.08 25.02
N LYS D 125 -11.50 -33.48 24.19
CA LYS D 125 -12.66 -34.17 23.60
C LYS D 125 -12.22 -35.23 22.60
N LYS D 126 -11.20 -34.96 21.79
CA LYS D 126 -10.86 -35.90 20.69
C LYS D 126 -9.88 -36.96 21.16
N GLU D 127 -9.09 -36.71 22.20
CA GLU D 127 -8.31 -37.80 22.83
C GLU D 127 -9.30 -38.79 23.45
N ALA D 128 -10.39 -38.30 24.03
CA ALA D 128 -11.37 -39.18 24.69
C ALA D 128 -12.01 -40.12 23.67
N SER D 129 -12.32 -39.64 22.46
CA SER D 129 -13.08 -40.42 21.44
C SER D 129 -12.12 -41.16 20.50
N ALA D 130 -10.98 -40.58 20.14
CA ALA D 130 -10.08 -41.19 19.11
C ALA D 130 -8.86 -41.86 19.74
N GLY D 131 -8.53 -41.53 20.98
CA GLY D 131 -7.35 -42.05 21.70
C GLY D 131 -6.25 -41.04 21.84
N ASN D 132 -5.28 -41.39 22.67
CA ASN D 132 -4.10 -40.59 23.01
C ASN D 132 -3.39 -40.16 21.72
N PHE D 133 -3.19 -38.85 21.59
CA PHE D 133 -2.56 -38.25 20.38
C PHE D 133 -1.11 -38.69 20.25
N ALA D 134 -0.32 -38.73 21.32
CA ALA D 134 1.08 -39.19 21.21
C ALA D 134 1.05 -40.61 20.63
N ASP D 135 0.12 -41.44 21.05
CA ASP D 135 0.04 -42.84 20.57
C ASP D 135 -0.38 -42.87 19.08
N LEU D 136 -1.37 -42.08 18.67
CA LEU D 136 -1.71 -41.98 17.24
C LEU D 136 -0.49 -41.52 16.44
N LEU D 137 0.21 -40.51 16.94
CA LEU D 137 1.37 -40.00 16.16
C LEU D 137 2.49 -41.04 16.09
N ALA D 138 2.64 -41.89 17.10
CA ALA D 138 3.66 -42.96 17.07
C ALA D 138 3.43 -43.91 15.90
N HIS D 139 2.17 -44.09 15.48
CA HIS D 139 1.81 -45.01 14.37
C HIS D 139 1.72 -44.28 13.03
N SER D 140 2.15 -43.04 12.96
CA SER D 140 2.02 -42.20 11.75
C SER D 140 2.51 -42.92 10.50
N ASP D 141 3.69 -43.55 10.55
CA ASP D 141 4.27 -44.07 9.29
C ASP D 141 3.41 -45.24 8.77
N GLY D 142 2.89 -46.07 9.67
CA GLY D 142 2.02 -47.16 9.24
C GLY D 142 0.73 -46.62 8.65
N LEU D 143 0.18 -45.61 9.29
CA LEU D 143 -1.08 -44.97 8.84
C LEU D 143 -0.89 -44.26 7.50
N ILE D 144 0.27 -43.63 7.31
CA ILE D 144 0.64 -42.95 6.03
C ILE D 144 0.76 -43.98 4.93
N LYS D 145 1.33 -45.15 5.24
CA LYS D 145 1.38 -46.26 4.24
C LYS D 145 -0.05 -46.64 3.89
N ASN D 146 -0.93 -46.74 4.89
CA ASN D 146 -2.33 -47.16 4.63
C ASN D 146 -2.99 -46.14 3.70
N ILE D 147 -2.87 -44.85 4.00
CA ILE D 147 -3.50 -43.79 3.16
C ILE D 147 -2.89 -43.88 1.78
N SER D 148 -1.56 -43.97 1.71
CA SER D 148 -0.89 -43.98 0.39
C SER D 148 -1.40 -45.17 -0.44
N ASP D 149 -1.58 -46.32 0.20
CA ASP D 149 -2.09 -47.52 -0.52
C ASP D 149 -3.54 -47.28 -0.96
N ASP D 150 -4.36 -46.73 -0.08
CA ASP D 150 -5.75 -46.41 -0.44
C ASP D 150 -5.82 -45.36 -1.55
N LEU D 151 -4.98 -44.33 -1.51
CA LEU D 151 -4.99 -43.32 -2.59
C LEU D 151 -4.63 -43.96 -3.93
N ARG D 152 -3.78 -44.99 -3.95
N ARG D 152 -3.78 -44.98 -3.95
CA ARG D 152 -3.46 -45.67 -5.22
CA ARG D 152 -3.45 -45.67 -5.22
C ARG D 152 -4.74 -46.27 -5.83
C ARG D 152 -4.73 -46.27 -5.82
N ALA D 153 -5.64 -46.81 -5.00
CA ALA D 153 -6.93 -47.32 -5.48
C ALA D 153 -7.83 -46.18 -5.94
N LEU D 154 -7.84 -45.07 -5.20
CA LEU D 154 -8.67 -43.92 -5.61
C LEU D 154 -8.18 -43.39 -6.97
N ASP D 155 -6.88 -43.44 -7.22
CA ASP D 155 -6.31 -42.95 -8.50
C ASP D 155 -7.02 -43.55 -9.70
N LYS D 156 -7.41 -44.81 -9.61
CA LYS D 156 -8.02 -45.53 -10.76
C LYS D 156 -9.43 -45.01 -10.99
N LEU D 157 -10.05 -44.35 -10.00
CA LEU D 157 -11.48 -43.93 -10.02
C LEU D 157 -11.63 -42.47 -10.43
N ILE D 158 -10.54 -41.71 -10.48
CA ILE D 158 -10.66 -40.26 -10.84
C ILE D 158 -10.89 -40.17 -12.35
N VAL D 159 -12.08 -39.82 -12.78
CA VAL D 159 -12.38 -39.80 -14.23
C VAL D 159 -11.71 -38.60 -14.90
N LYS D 160 -11.77 -37.42 -14.28
CA LYS D 160 -11.18 -36.18 -14.81
C LYS D 160 -10.63 -35.40 -13.63
N PRO D 161 -9.60 -34.55 -13.83
CA PRO D 161 -9.10 -33.75 -12.72
C PRO D 161 -10.09 -32.70 -12.21
N ASN D 162 -11.09 -32.33 -13.02
CA ASN D 162 -12.06 -31.29 -12.62
C ASN D 162 -13.30 -31.84 -11.89
N ALA D 163 -13.51 -33.16 -11.91
CA ALA D 163 -14.74 -33.78 -11.35
C ALA D 163 -14.52 -35.27 -11.24
N VAL D 164 -14.65 -35.82 -10.03
CA VAL D 164 -14.20 -37.21 -9.81
C VAL D 164 -14.91 -38.18 -10.73
N ASN D 165 -16.19 -37.97 -11.01
CA ASN D 165 -16.95 -38.90 -11.88
C ASN D 165 -17.13 -38.33 -13.28
N GLY D 166 -16.43 -37.23 -13.59
CA GLY D 166 -16.44 -36.64 -14.95
C GLY D 166 -17.29 -35.41 -15.08
N GLU D 167 -18.33 -35.27 -14.27
CA GLU D 167 -19.25 -34.13 -14.18
C GLU D 167 -19.37 -33.82 -12.70
N LEU D 168 -19.38 -32.55 -12.31
CA LEU D 168 -19.42 -32.22 -10.87
C LEU D 168 -20.61 -32.93 -10.21
N SER D 169 -20.34 -33.51 -9.04
CA SER D 169 -21.33 -34.34 -8.32
C SER D 169 -21.13 -34.21 -6.83
N GLU D 170 -22.08 -34.72 -6.08
CA GLU D 170 -21.93 -34.73 -4.62
C GLU D 170 -20.72 -35.57 -4.21
N ASP D 171 -20.19 -36.45 -5.08
CA ASP D 171 -18.95 -37.16 -4.70
C ASP D 171 -17.79 -36.17 -4.59
N ASP D 172 -17.78 -35.09 -5.37
CA ASP D 172 -16.74 -34.06 -5.19
C ASP D 172 -16.86 -33.47 -3.79
N ILE D 173 -18.08 -33.14 -3.41
CA ILE D 173 -18.37 -32.54 -2.07
C ILE D 173 -17.91 -33.51 -0.99
N GLN D 174 -18.10 -34.83 -1.16
CA GLN D 174 -17.77 -35.81 -0.12
C GLN D 174 -16.26 -36.11 -0.13
N LEU D 175 -15.59 -36.02 -1.25
CA LEU D 175 -14.18 -36.48 -1.40
C LEU D 175 -13.20 -35.33 -1.16
N PHE D 176 -13.44 -34.15 -1.72
CA PHE D 176 -12.42 -33.08 -1.68
C PHE D 176 -12.07 -32.67 -0.26
N PRO D 177 -13.02 -32.54 0.70
CA PRO D 177 -12.60 -32.13 2.06
C PRO D 177 -11.57 -33.06 2.67
N LEU D 178 -11.76 -34.37 2.51
CA LEU D 178 -10.79 -35.35 3.03
C LEU D 178 -9.42 -35.10 2.35
N LEU D 179 -9.39 -34.97 1.04
CA LEU D 179 -8.09 -34.76 0.33
C LEU D 179 -7.46 -33.46 0.79
N ARG D 180 -8.26 -32.43 0.95
CA ARG D 180 -7.76 -31.11 1.39
C ARG D 180 -7.11 -31.31 2.75
N ASN D 181 -7.84 -31.89 3.70
CA ASN D 181 -7.29 -32.07 5.05
C ASN D 181 -6.06 -32.99 5.06
N LEU D 182 -6.01 -34.00 4.21
CA LEU D 182 -4.85 -34.93 4.17
C LEU D 182 -3.58 -34.18 3.74
N THR D 183 -3.66 -33.02 3.08
CA THR D 183 -2.43 -32.26 2.73
C THR D 183 -1.74 -31.74 3.99
N LEU D 184 -2.38 -31.83 5.16
CA LEU D 184 -1.72 -31.50 6.44
C LEU D 184 -0.76 -32.62 6.86
N VAL D 185 -0.87 -33.81 6.31
CA VAL D 185 -0.08 -34.99 6.72
C VAL D 185 1.18 -35.07 5.86
N ALA D 186 2.32 -34.72 6.43
CA ALA D 186 3.60 -34.84 5.71
C ALA D 186 3.86 -36.32 5.41
N GLY D 187 4.31 -36.62 4.19
CA GLY D 187 4.86 -37.94 3.89
C GLY D 187 3.95 -38.80 3.06
N ILE D 188 2.71 -38.37 2.84
CA ILE D 188 1.80 -39.13 1.97
C ILE D 188 2.37 -39.20 0.56
N ASN D 189 2.27 -40.37 -0.04
CA ASN D 189 2.56 -40.54 -1.48
C ASN D 189 1.26 -40.29 -2.25
N TRP D 190 1.21 -39.18 -2.98
CA TRP D 190 0.03 -38.74 -3.73
C TRP D 190 0.14 -39.24 -5.15
N PRO D 191 -0.71 -40.19 -5.58
CA PRO D 191 -0.75 -40.57 -6.99
C PRO D 191 -1.17 -39.40 -7.87
N SER D 192 -0.69 -39.41 -9.11
CA SER D 192 -0.79 -38.23 -10.01
C SER D 192 -2.22 -37.80 -10.34
N ARG D 193 -3.13 -38.74 -10.60
CA ARG D 193 -4.52 -38.32 -10.95
C ARG D 193 -5.15 -37.73 -9.69
N VAL D 194 -4.87 -38.31 -8.51
CA VAL D 194 -5.42 -37.76 -7.24
C VAL D 194 -4.89 -36.35 -7.00
N ALA D 195 -3.59 -36.15 -7.16
CA ALA D 195 -2.94 -34.86 -6.92
C ALA D 195 -3.56 -33.85 -7.87
N ASP D 196 -3.69 -34.22 -9.14
CA ASP D 196 -4.18 -33.23 -10.12
C ASP D 196 -5.63 -32.84 -9.76
N TYR D 197 -6.46 -33.81 -9.41
CA TYR D 197 -7.84 -33.58 -8.94
C TYR D 197 -7.86 -32.67 -7.70
N ARG D 198 -7.03 -33.01 -6.73
CA ARG D 198 -6.93 -32.19 -5.49
C ARG D 198 -6.62 -30.74 -5.85
N ASP D 199 -5.63 -30.51 -6.71
CA ASP D 199 -5.22 -29.12 -7.01
C ASP D 199 -6.30 -28.41 -7.82
N ASN D 200 -6.91 -29.14 -8.75
CA ASN D 200 -7.93 -28.55 -9.65
C ASN D 200 -9.13 -28.16 -8.80
N MET D 201 -9.62 -29.07 -7.97
CA MET D 201 -10.83 -28.81 -7.18
C MET D 201 -10.50 -27.72 -6.16
N ALA D 202 -9.30 -27.64 -5.61
CA ALA D 202 -8.99 -26.52 -4.71
C ALA D 202 -9.15 -25.18 -5.43
N LYS D 203 -8.67 -25.10 -6.66
CA LYS D 203 -8.83 -23.84 -7.44
C LYS D 203 -10.31 -23.60 -7.73
N GLN D 204 -11.07 -24.60 -8.19
CA GLN D 204 -12.50 -24.42 -8.47
C GLN D 204 -13.27 -23.91 -7.24
N THR D 205 -12.98 -24.49 -6.06
CA THR D 205 -13.76 -24.22 -4.84
C THR D 205 -13.20 -22.99 -4.11
N GLN D 206 -12.03 -22.50 -4.52
CA GLN D 206 -11.39 -21.33 -3.82
C GLN D 206 -11.16 -21.70 -2.35
N ILE D 207 -10.68 -22.90 -2.09
CA ILE D 207 -10.32 -23.40 -0.74
C ILE D 207 -8.84 -23.72 -0.75
N ASN D 208 -8.15 -23.29 0.29
CA ASN D 208 -6.70 -23.51 0.39
C ASN D 208 -6.36 -24.97 0.72
N LEU D 209 -5.29 -25.47 0.14
CA LEU D 209 -4.63 -26.70 0.63
C LEU D 209 -3.75 -26.33 1.81
N LEU D 210 -3.26 -27.33 2.51
CA LEU D 210 -2.55 -27.17 3.80
C LEU D 210 -1.10 -27.64 3.67
N SER D 211 -0.58 -27.81 2.45
CA SER D 211 0.76 -28.38 2.20
C SER D 211 1.84 -27.58 2.93
N SER D 212 1.70 -26.26 3.02
CA SER D 212 2.76 -25.41 3.65
C SER D 212 2.83 -25.67 5.15
N MET D 213 1.77 -26.23 5.73
CA MET D 213 1.65 -26.47 7.18
C MET D 213 1.92 -27.94 7.50
N ALA D 214 2.19 -28.77 6.52
CA ALA D 214 2.16 -30.25 6.71
C ALA D 214 3.16 -30.64 7.79
N ILE D 215 2.73 -31.55 8.65
CA ILE D 215 3.54 -32.10 9.77
C ILE D 215 3.33 -33.60 9.82
#